data_2YSG
#
_entry.id   2YSG
#
_entity_poly.entity_id   1
_entity_poly.type   'polypeptide(L)'
_entity_poly.pdbx_seq_one_letter_code
;GSSGSSGLPYGWEEAYTADGIKYFINHVTQTTSWIHPVMS
;
_entity_poly.pdbx_strand_id   A
#
# COMPACT_ATOMS: atom_id res chain seq x y z
N GLY A 1 9.15 -15.07 8.17
CA GLY A 1 8.97 -14.28 6.98
C GLY A 1 9.89 -13.06 6.94
N SER A 2 11.11 -13.26 6.44
CA SER A 2 12.08 -12.18 6.36
C SER A 2 11.39 -10.86 6.01
N SER A 3 10.60 -10.87 4.95
CA SER A 3 9.88 -9.68 4.51
C SER A 3 8.43 -9.72 4.96
N GLY A 4 7.78 -8.54 4.96
CA GLY A 4 6.39 -8.47 5.38
C GLY A 4 5.62 -7.40 4.61
N SER A 5 6.02 -6.15 4.80
CA SER A 5 5.35 -5.03 4.15
C SER A 5 5.64 -5.04 2.65
N SER A 6 6.92 -4.95 2.29
CA SER A 6 7.32 -4.95 0.89
C SER A 6 6.81 -6.20 0.17
N GLY A 7 6.03 -5.98 -0.88
CA GLY A 7 5.49 -7.10 -1.63
C GLY A 7 3.97 -7.05 -1.74
N LEU A 8 3.44 -5.89 -2.10
CA LEU A 8 2.00 -5.71 -2.23
C LEU A 8 1.49 -6.34 -3.53
N PRO A 9 0.20 -6.67 -3.56
CA PRO A 9 -0.44 -7.28 -4.73
C PRO A 9 -0.58 -6.30 -5.89
N TYR A 10 -0.48 -6.81 -7.10
CA TYR A 10 -0.59 -5.97 -8.29
C TYR A 10 -1.89 -5.17 -8.28
N GLY A 11 -1.76 -3.85 -8.32
CA GLY A 11 -2.92 -2.99 -8.31
C GLY A 11 -2.92 -2.01 -7.16
N TRP A 12 -2.41 -2.46 -6.01
CA TRP A 12 -2.35 -1.61 -4.81
C TRP A 12 -1.04 -0.83 -4.77
N GLU A 13 -1.04 0.26 -4.02
CA GLU A 13 0.16 1.09 -3.90
C GLU A 13 0.17 1.81 -2.55
N GLU A 14 1.22 1.57 -1.77
CA GLU A 14 1.36 2.20 -0.46
C GLU A 14 2.15 3.50 -0.56
N ALA A 15 1.50 4.61 -0.23
CA ALA A 15 2.14 5.91 -0.27
C ALA A 15 2.13 6.58 1.10
N TYR A 16 2.71 7.77 1.17
CA TYR A 16 2.77 8.52 2.42
C TYR A 16 2.30 9.96 2.22
N THR A 17 1.83 10.57 3.31
CA THR A 17 1.34 11.94 3.26
C THR A 17 2.45 12.93 3.62
N ALA A 18 2.14 14.22 3.49
CA ALA A 18 3.11 15.27 3.81
C ALA A 18 3.56 15.19 5.27
N ASP A 19 2.77 14.49 6.08
CA ASP A 19 3.07 14.34 7.50
C ASP A 19 4.01 13.17 7.73
N GLY A 20 3.76 12.07 7.04
CA GLY A 20 4.59 10.89 7.18
C GLY A 20 3.77 9.60 7.19
N ILE A 21 2.52 9.70 7.61
CA ILE A 21 1.64 8.54 7.68
C ILE A 21 1.64 7.78 6.36
N LYS A 22 1.28 6.51 6.40
CA LYS A 22 1.24 5.67 5.21
C LYS A 22 -0.16 5.08 5.01
N TYR A 23 -0.60 5.06 3.76
CA TYR A 23 -1.91 4.52 3.42
C TYR A 23 -1.85 3.66 2.16
N PHE A 24 -2.87 2.82 1.99
CA PHE A 24 -2.93 1.94 0.82
C PHE A 24 -4.00 2.41 -0.16
N ILE A 25 -3.60 2.60 -1.41
CA ILE A 25 -4.52 3.05 -2.45
C ILE A 25 -4.44 2.15 -3.68
N ASN A 26 -5.58 1.88 -4.29
CA ASN A 26 -5.65 1.04 -5.48
C ASN A 26 -5.80 1.89 -6.73
N HIS A 27 -5.32 1.36 -7.87
CA HIS A 27 -5.40 2.07 -9.13
C HIS A 27 -6.56 1.54 -9.97
N VAL A 28 -6.86 0.26 -9.82
CA VAL A 28 -7.95 -0.36 -10.56
C VAL A 28 -9.31 0.03 -9.99
N THR A 29 -9.36 0.21 -8.67
CA THR A 29 -10.59 0.59 -7.99
C THR A 29 -10.53 2.03 -7.51
N GLN A 30 -9.37 2.66 -7.67
CA GLN A 30 -9.18 4.04 -7.25
C GLN A 30 -9.83 4.28 -5.88
N THR A 31 -9.50 3.43 -4.91
CA THR A 31 -10.05 3.56 -3.58
C THR A 31 -8.94 3.73 -2.54
N THR A 32 -9.20 4.57 -1.54
CA THR A 32 -8.23 4.85 -0.49
C THR A 32 -8.60 4.13 0.80
N SER A 33 -7.73 3.25 1.26
CA SER A 33 -7.99 2.50 2.50
C SER A 33 -6.67 2.20 3.22
N TRP A 34 -6.76 1.96 4.52
CA TRP A 34 -5.60 1.65 5.34
C TRP A 34 -5.58 0.18 5.75
N ILE A 35 -4.88 -0.62 4.96
CA ILE A 35 -4.77 -2.05 5.25
C ILE A 35 -3.60 -2.68 4.52
N HIS A 36 -3.34 -3.95 4.80
CA HIS A 36 -2.23 -4.67 4.17
C HIS A 36 -2.74 -5.90 3.44
N PRO A 37 -3.24 -5.70 2.20
CA PRO A 37 -3.76 -6.79 1.37
C PRO A 37 -2.66 -7.72 0.88
N VAL A 38 -2.24 -8.64 1.75
CA VAL A 38 -1.20 -9.60 1.40
C VAL A 38 -1.45 -10.95 2.06
N MET A 39 -1.22 -12.02 1.31
CA MET A 39 -1.42 -13.37 1.83
C MET A 39 -0.16 -14.21 1.66
N SER A 40 0.08 -15.11 2.61
CA SER A 40 1.26 -15.97 2.57
C SER A 40 0.86 -17.44 2.55
N GLY A 1 15.35 0.37 4.96
CA GLY A 1 14.41 -0.67 5.37
C GLY A 1 13.33 -0.14 6.29
N SER A 2 13.60 -0.16 7.60
CA SER A 2 12.65 0.31 8.59
C SER A 2 11.25 -0.23 8.29
N SER A 3 11.18 -1.50 7.91
CA SER A 3 9.90 -2.14 7.60
C SER A 3 10.05 -3.65 7.54
N GLY A 4 9.07 -4.36 8.09
CA GLY A 4 9.11 -5.81 8.10
C GLY A 4 8.44 -6.41 6.87
N SER A 5 7.30 -5.84 6.47
CA SER A 5 6.57 -6.33 5.32
C SER A 5 6.85 -5.47 4.09
N SER A 6 6.89 -6.10 2.92
CA SER A 6 7.14 -5.39 1.68
C SER A 6 6.74 -6.24 0.47
N GLY A 7 6.20 -5.57 -0.55
CA GLY A 7 5.78 -6.28 -1.75
C GLY A 7 4.27 -6.42 -1.83
N LEU A 8 3.60 -5.34 -2.18
CA LEU A 8 2.15 -5.34 -2.30
C LEU A 8 1.71 -6.02 -3.59
N PRO A 9 0.46 -6.52 -3.61
CA PRO A 9 -0.11 -7.20 -4.77
C PRO A 9 -0.38 -6.23 -5.93
N TYR A 10 -0.15 -6.69 -7.15
CA TYR A 10 -0.37 -5.87 -8.34
C TYR A 10 -1.68 -5.09 -8.21
N GLY A 11 -1.62 -3.80 -8.54
CA GLY A 11 -2.80 -2.96 -8.47
C GLY A 11 -2.78 -2.04 -7.26
N TRP A 12 -2.25 -2.53 -6.15
CA TRP A 12 -2.18 -1.74 -4.93
C TRP A 12 -0.89 -0.93 -4.88
N GLU A 13 -0.91 0.16 -4.11
CA GLU A 13 0.26 1.02 -3.98
C GLU A 13 0.23 1.78 -2.67
N GLU A 14 1.24 1.56 -1.83
CA GLU A 14 1.33 2.23 -0.55
C GLU A 14 1.98 3.61 -0.69
N ALA A 15 1.21 4.65 -0.38
CA ALA A 15 1.71 6.01 -0.47
C ALA A 15 1.76 6.67 0.90
N TYR A 16 2.46 7.81 0.98
CA TYR A 16 2.60 8.53 2.24
C TYR A 16 2.13 9.97 2.09
N THR A 17 1.71 10.58 3.20
CA THR A 17 1.24 11.96 3.18
C THR A 17 2.36 12.92 3.56
N ALA A 18 2.17 14.20 3.25
CA ALA A 18 3.16 15.22 3.55
C ALA A 18 3.61 15.12 5.00
N ASP A 19 2.80 14.47 5.83
CA ASP A 19 3.12 14.30 7.25
C ASP A 19 4.05 13.10 7.46
N GLY A 20 3.73 11.99 6.79
CA GLY A 20 4.55 10.81 6.92
C GLY A 20 3.71 9.54 6.96
N ILE A 21 2.48 9.66 7.43
CA ILE A 21 1.58 8.52 7.53
C ILE A 21 1.60 7.70 6.24
N LYS A 22 1.25 6.42 6.34
CA LYS A 22 1.22 5.53 5.19
C LYS A 22 -0.17 4.93 5.00
N TYR A 23 -0.63 4.90 3.75
CA TYR A 23 -1.94 4.36 3.43
C TYR A 23 -1.88 3.52 2.16
N PHE A 24 -2.87 2.65 1.99
CA PHE A 24 -2.94 1.78 0.82
C PHE A 24 -4.03 2.25 -0.15
N ILE A 25 -3.66 2.41 -1.41
CA ILE A 25 -4.60 2.86 -2.43
C ILE A 25 -4.63 1.89 -3.61
N ASN A 26 -5.82 1.65 -4.15
CA ASN A 26 -6.00 0.75 -5.28
C ASN A 26 -6.33 1.53 -6.55
N HIS A 27 -5.31 1.76 -7.38
CA HIS A 27 -5.50 2.49 -8.63
C HIS A 27 -6.65 1.90 -9.45
N VAL A 28 -6.65 0.56 -9.55
CA VAL A 28 -7.69 -0.13 -10.30
C VAL A 28 -9.05 0.52 -10.09
N THR A 29 -9.34 0.87 -8.85
CA THR A 29 -10.61 1.50 -8.51
C THR A 29 -10.40 2.76 -7.67
N GLN A 30 -9.22 3.38 -7.82
CA GLN A 30 -8.89 4.58 -7.08
C GLN A 30 -9.51 4.56 -5.68
N THR A 31 -9.35 3.43 -4.99
CA THR A 31 -9.88 3.27 -3.65
C THR A 31 -8.82 3.55 -2.60
N THR A 32 -9.18 4.33 -1.58
CA THR A 32 -8.26 4.68 -0.52
C THR A 32 -8.64 3.98 0.79
N SER A 33 -7.77 3.10 1.26
CA SER A 33 -8.02 2.35 2.49
C SER A 33 -6.71 2.11 3.25
N TRP A 34 -6.83 1.84 4.54
CA TRP A 34 -5.67 1.58 5.38
C TRP A 34 -5.66 0.15 5.89
N ILE A 35 -4.96 -0.73 5.18
CA ILE A 35 -4.89 -2.13 5.57
C ILE A 35 -3.67 -2.81 4.96
N HIS A 36 -3.51 -4.10 5.22
CA HIS A 36 -2.39 -4.87 4.69
C HIS A 36 -2.87 -6.09 3.93
N PRO A 37 -3.15 -5.91 2.63
CA PRO A 37 -3.63 -7.00 1.76
C PRO A 37 -2.55 -8.04 1.49
N VAL A 38 -1.38 -7.85 2.10
CA VAL A 38 -0.27 -8.77 1.92
C VAL A 38 -0.11 -9.69 3.12
N MET A 39 0.51 -10.84 2.90
CA MET A 39 0.72 -11.80 3.98
C MET A 39 1.87 -12.75 3.63
N SER A 40 2.83 -12.87 4.54
CA SER A 40 3.98 -13.74 4.34
C SER A 40 3.66 -15.17 4.74
N GLY A 1 11.32 -11.68 9.30
CA GLY A 1 12.23 -12.31 8.37
C GLY A 1 11.70 -12.31 6.95
N SER A 2 12.00 -11.24 6.21
CA SER A 2 11.54 -11.11 4.83
C SER A 2 12.39 -11.96 3.89
N SER A 3 11.77 -12.46 2.83
CA SER A 3 12.48 -13.30 1.87
C SER A 3 12.23 -12.80 0.45
N GLY A 4 12.28 -11.48 0.28
CA GLY A 4 12.07 -10.89 -1.03
C GLY A 4 10.60 -10.81 -1.40
N SER A 5 10.30 -10.21 -2.55
CA SER A 5 8.92 -10.06 -3.00
C SER A 5 8.07 -9.35 -1.96
N SER A 6 8.64 -8.31 -1.34
CA SER A 6 7.94 -7.56 -0.32
C SER A 6 7.19 -6.38 -0.94
N GLY A 7 6.54 -6.62 -2.07
CA GLY A 7 5.80 -5.58 -2.74
C GLY A 7 4.30 -5.83 -2.74
N LEU A 8 3.52 -4.77 -2.60
CA LEU A 8 2.07 -4.88 -2.59
C LEU A 8 1.57 -5.59 -3.84
N PRO A 9 0.37 -6.19 -3.75
CA PRO A 9 -0.24 -6.91 -4.86
C PRO A 9 -0.69 -5.99 -5.98
N TYR A 10 -0.56 -6.46 -7.22
CA TYR A 10 -0.94 -5.67 -8.38
C TYR A 10 -2.21 -4.87 -8.10
N GLY A 11 -2.18 -3.58 -8.44
CA GLY A 11 -3.33 -2.72 -8.21
C GLY A 11 -3.16 -1.82 -7.01
N TRP A 12 -2.52 -2.35 -5.96
CA TRP A 12 -2.29 -1.58 -4.75
C TRP A 12 -0.95 -0.86 -4.79
N GLU A 13 -0.81 0.19 -3.99
CA GLU A 13 0.42 0.96 -3.95
C GLU A 13 0.55 1.71 -2.63
N GLU A 14 1.71 1.58 -1.99
CA GLU A 14 1.96 2.24 -0.71
C GLU A 14 2.30 3.72 -0.92
N ALA A 15 1.42 4.59 -0.45
CA ALA A 15 1.62 6.03 -0.58
C ALA A 15 1.55 6.72 0.78
N TYR A 16 2.53 7.57 1.05
CA TYR A 16 2.57 8.31 2.32
C TYR A 16 2.12 9.75 2.14
N THR A 17 1.80 10.40 3.23
CA THR A 17 1.36 11.79 3.20
C THR A 17 2.48 12.74 3.62
N ALA A 18 2.32 14.02 3.28
CA ALA A 18 3.32 15.03 3.62
C ALA A 18 3.70 14.93 5.10
N ASP A 19 2.79 14.42 5.92
CA ASP A 19 3.04 14.28 7.34
C ASP A 19 3.93 13.09 7.63
N GLY A 20 3.72 12.01 6.87
CA GLY A 20 4.51 10.81 7.06
C GLY A 20 3.66 9.55 7.11
N ILE A 21 2.38 9.73 7.43
CA ILE A 21 1.45 8.60 7.51
C ILE A 21 1.50 7.75 6.25
N LYS A 22 1.12 6.48 6.38
CA LYS A 22 1.13 5.57 5.25
C LYS A 22 -0.26 4.98 5.03
N TYR A 23 -0.71 4.97 3.77
CA TYR A 23 -2.02 4.44 3.43
C TYR A 23 -1.94 3.57 2.17
N PHE A 24 -2.95 2.73 1.98
CA PHE A 24 -3.00 1.86 0.81
C PHE A 24 -4.05 2.33 -0.19
N ILE A 25 -3.64 2.48 -1.44
CA ILE A 25 -4.55 2.93 -2.49
C ILE A 25 -4.52 1.98 -3.68
N ASN A 26 -5.70 1.68 -4.21
CA ASN A 26 -5.82 0.78 -5.36
C ASN A 26 -6.21 1.55 -6.61
N HIS A 27 -5.22 1.88 -7.44
CA HIS A 27 -5.46 2.62 -8.67
C HIS A 27 -6.55 1.93 -9.51
N VAL A 28 -6.43 0.62 -9.68
CA VAL A 28 -7.40 -0.15 -10.45
C VAL A 28 -8.82 0.30 -10.14
N THR A 29 -9.09 0.55 -8.86
CA THR A 29 -10.41 0.98 -8.43
C THR A 29 -10.34 2.29 -7.66
N GLN A 30 -9.27 3.04 -7.86
CA GLN A 30 -9.07 4.31 -7.18
C GLN A 30 -9.66 4.26 -5.77
N THR A 31 -9.39 3.17 -5.06
CA THR A 31 -9.89 3.00 -3.70
C THR A 31 -8.83 3.37 -2.68
N THR A 32 -9.23 4.16 -1.69
CA THR A 32 -8.30 4.60 -0.64
C THR A 32 -8.67 3.97 0.70
N SER A 33 -7.79 3.10 1.20
CA SER A 33 -8.01 2.42 2.47
C SER A 33 -6.69 2.19 3.20
N TRP A 34 -6.77 1.92 4.49
CA TRP A 34 -5.59 1.66 5.30
C TRP A 34 -5.58 0.23 5.84
N ILE A 35 -4.91 -0.66 5.11
CA ILE A 35 -4.82 -2.05 5.51
C ILE A 35 -3.63 -2.74 4.86
N HIS A 36 -3.35 -3.97 5.30
CA HIS A 36 -2.23 -4.73 4.76
C HIS A 36 -2.73 -5.98 4.02
N PRO A 37 -3.05 -5.81 2.73
CA PRO A 37 -3.54 -6.91 1.89
C PRO A 37 -2.46 -7.95 1.59
N VAL A 38 -1.28 -7.74 2.18
CA VAL A 38 -0.17 -8.67 1.98
C VAL A 38 0.07 -9.52 3.23
N MET A 39 -0.75 -10.54 3.40
CA MET A 39 -0.63 -11.44 4.55
C MET A 39 -0.67 -12.90 4.10
N SER A 40 0.47 -13.56 4.14
CA SER A 40 0.57 -14.96 3.75
C SER A 40 1.95 -15.52 4.03
N GLY A 1 11.53 -11.55 9.32
CA GLY A 1 12.53 -11.81 8.32
C GLY A 1 12.04 -12.74 7.23
N SER A 2 11.10 -12.26 6.42
CA SER A 2 10.54 -13.06 5.34
C SER A 2 10.87 -12.44 3.99
N SER A 3 10.71 -13.23 2.92
CA SER A 3 10.98 -12.76 1.58
C SER A 3 9.95 -11.72 1.14
N GLY A 4 10.42 -10.53 0.80
CA GLY A 4 9.53 -9.47 0.37
C GLY A 4 10.11 -8.65 -0.76
N SER A 5 10.22 -9.26 -1.95
CA SER A 5 10.77 -8.58 -3.11
C SER A 5 9.65 -8.01 -3.98
N SER A 6 8.67 -8.84 -4.30
CA SER A 6 7.55 -8.43 -5.13
C SER A 6 6.81 -7.26 -4.48
N GLY A 7 6.45 -7.40 -3.21
CA GLY A 7 5.76 -6.35 -2.50
C GLY A 7 4.25 -6.46 -2.65
N LEU A 8 3.55 -5.36 -2.38
CA LEU A 8 2.10 -5.34 -2.49
C LEU A 8 1.63 -5.99 -3.79
N PRO A 9 0.39 -6.50 -3.79
CA PRO A 9 -0.20 -7.16 -4.96
C PRO A 9 -0.51 -6.17 -6.08
N TYR A 10 -0.25 -6.59 -7.31
CA TYR A 10 -0.50 -5.74 -8.47
C TYR A 10 -1.81 -4.96 -8.31
N GLY A 11 -1.75 -3.66 -8.59
CA GLY A 11 -2.93 -2.83 -8.48
C GLY A 11 -2.88 -1.92 -7.26
N TRP A 12 -2.39 -2.45 -6.14
CA TRP A 12 -2.30 -1.67 -4.91
C TRP A 12 -1.00 -0.88 -4.88
N GLU A 13 -1.02 0.27 -4.19
CA GLU A 13 0.15 1.12 -4.08
C GLU A 13 0.18 1.84 -2.74
N GLU A 14 1.18 1.54 -1.92
CA GLU A 14 1.31 2.16 -0.61
C GLU A 14 2.07 3.48 -0.71
N ALA A 15 1.42 4.57 -0.33
CA ALA A 15 2.03 5.88 -0.38
C ALA A 15 1.99 6.56 0.99
N TYR A 16 2.66 7.70 1.11
CA TYR A 16 2.70 8.45 2.36
C TYR A 16 2.29 9.90 2.15
N THR A 17 1.82 10.54 3.22
CA THR A 17 1.41 11.94 3.15
C THR A 17 2.56 12.87 3.46
N ALA A 18 2.29 14.17 3.44
CA ALA A 18 3.31 15.17 3.72
C ALA A 18 3.81 15.05 5.16
N ASP A 19 2.99 14.46 6.03
CA ASP A 19 3.36 14.28 7.43
C ASP A 19 4.20 13.02 7.61
N GLY A 20 3.78 11.94 6.96
CA GLY A 20 4.50 10.69 7.07
C GLY A 20 3.58 9.49 7.08
N ILE A 21 2.33 9.70 7.49
CA ILE A 21 1.35 8.62 7.54
C ILE A 21 1.42 7.75 6.29
N LYS A 22 1.01 6.50 6.42
CA LYS A 22 1.02 5.57 5.30
C LYS A 22 -0.38 5.01 5.05
N TYR A 23 -0.78 4.98 3.78
CA TYR A 23 -2.10 4.47 3.41
C TYR A 23 -2.00 3.60 2.15
N PHE A 24 -3.01 2.76 1.96
CA PHE A 24 -3.04 1.87 0.80
C PHE A 24 -4.13 2.31 -0.19
N ILE A 25 -3.73 2.51 -1.44
CA ILE A 25 -4.66 2.93 -2.48
C ILE A 25 -4.65 1.96 -3.65
N ASN A 26 -5.83 1.63 -4.16
CA ASN A 26 -5.95 0.71 -5.29
C ASN A 26 -6.32 1.46 -6.56
N HIS A 27 -5.32 1.74 -7.39
CA HIS A 27 -5.53 2.46 -8.64
C HIS A 27 -6.61 1.77 -9.47
N VAL A 28 -6.54 0.44 -9.54
CA VAL A 28 -7.52 -0.33 -10.30
C VAL A 28 -8.94 0.10 -9.99
N THR A 29 -9.18 0.47 -8.73
CA THR A 29 -10.50 0.91 -8.30
C THR A 29 -10.43 2.27 -7.61
N GLN A 30 -9.34 2.99 -7.84
CA GLN A 30 -9.15 4.30 -7.23
C GLN A 30 -9.75 4.34 -5.83
N THR A 31 -9.45 3.31 -5.04
CA THR A 31 -9.95 3.23 -3.67
C THR A 31 -8.85 3.54 -2.66
N THR A 32 -9.19 4.33 -1.65
CA THR A 32 -8.23 4.70 -0.61
C THR A 32 -8.61 4.07 0.73
N SER A 33 -7.76 3.17 1.21
CA SER A 33 -8.00 2.50 2.49
C SER A 33 -6.68 2.23 3.22
N TRP A 34 -6.78 2.01 4.53
CA TRP A 34 -5.60 1.73 5.33
C TRP A 34 -5.60 0.29 5.83
N ILE A 35 -4.92 -0.59 5.10
CA ILE A 35 -4.85 -2.00 5.46
C ILE A 35 -3.64 -2.67 4.82
N HIS A 36 -3.37 -3.91 5.23
CA HIS A 36 -2.25 -4.66 4.68
C HIS A 36 -2.73 -5.89 3.93
N PRO A 37 -3.01 -5.72 2.63
CA PRO A 37 -3.48 -6.80 1.76
C PRO A 37 -2.40 -7.85 1.49
N VAL A 38 -1.24 -7.66 2.11
CA VAL A 38 -0.13 -8.57 1.93
C VAL A 38 0.04 -9.47 3.15
N MET A 39 -0.56 -10.65 3.10
CA MET A 39 -0.47 -11.60 4.20
C MET A 39 0.24 -12.89 3.77
N SER A 40 1.15 -12.75 2.81
CA SER A 40 1.90 -13.89 2.30
C SER A 40 3.10 -14.20 3.19
N GLY A 1 20.90 -5.52 7.62
CA GLY A 1 20.30 -4.20 7.71
C GLY A 1 18.79 -4.26 7.82
N SER A 2 18.15 -3.10 7.70
CA SER A 2 16.70 -3.02 7.80
C SER A 2 16.03 -3.54 6.52
N SER A 3 15.73 -4.84 6.51
CA SER A 3 15.11 -5.46 5.36
C SER A 3 13.61 -5.17 5.33
N GLY A 4 13.17 -4.46 4.30
CA GLY A 4 11.75 -4.13 4.17
C GLY A 4 11.29 -4.14 2.73
N SER A 5 11.53 -5.25 2.04
CA SER A 5 11.13 -5.39 0.65
C SER A 5 9.66 -5.79 0.55
N SER A 6 8.82 -5.17 1.37
CA SER A 6 7.39 -5.46 1.37
C SER A 6 6.73 -4.94 0.09
N GLY A 7 6.41 -5.86 -0.81
CA GLY A 7 5.77 -5.46 -2.06
C GLY A 7 4.28 -5.75 -2.06
N LEU A 8 3.48 -4.71 -2.33
CA LEU A 8 2.04 -4.86 -2.36
C LEU A 8 1.59 -5.57 -3.62
N PRO A 9 0.40 -6.19 -3.56
CA PRO A 9 -0.17 -6.93 -4.70
C PRO A 9 -0.61 -5.99 -5.82
N TYR A 10 -0.40 -6.43 -7.07
CA TYR A 10 -0.76 -5.63 -8.23
C TYR A 10 -2.04 -4.83 -7.96
N GLY A 11 -2.08 -3.60 -8.46
CA GLY A 11 -3.25 -2.76 -8.27
C GLY A 11 -3.10 -1.84 -7.08
N TRP A 12 -2.44 -2.32 -6.04
CA TRP A 12 -2.24 -1.53 -4.82
C TRP A 12 -0.90 -0.79 -4.87
N GLU A 13 -0.78 0.26 -4.07
CA GLU A 13 0.44 1.05 -4.02
C GLU A 13 0.55 1.79 -2.69
N GLU A 14 1.68 1.61 -2.01
CA GLU A 14 1.92 2.26 -0.73
C GLU A 14 2.31 3.72 -0.93
N ALA A 15 1.52 4.62 -0.35
CA ALA A 15 1.78 6.06 -0.47
C ALA A 15 1.71 6.73 0.90
N TYR A 16 2.64 7.65 1.14
CA TYR A 16 2.70 8.37 2.41
C TYR A 16 2.26 9.82 2.24
N THR A 17 1.87 10.45 3.34
CA THR A 17 1.42 11.84 3.31
C THR A 17 2.53 12.78 3.77
N ALA A 18 2.39 14.06 3.44
CA ALA A 18 3.37 15.06 3.83
C ALA A 18 3.68 14.98 5.33
N ASP A 19 2.80 14.32 6.08
CA ASP A 19 2.99 14.17 7.51
C ASP A 19 3.92 13.01 7.82
N GLY A 20 3.74 11.90 7.11
CA GLY A 20 4.58 10.74 7.33
C GLY A 20 3.79 9.44 7.30
N ILE A 21 2.51 9.52 7.63
CA ILE A 21 1.64 8.36 7.65
C ILE A 21 1.60 7.69 6.27
N LYS A 22 1.24 6.41 6.26
CA LYS A 22 1.15 5.65 5.01
C LYS A 22 -0.25 5.09 4.81
N TYR A 23 -0.71 5.06 3.56
CA TYR A 23 -2.02 4.55 3.25
C TYR A 23 -1.97 3.64 2.01
N PHE A 24 -2.99 2.79 1.87
CA PHE A 24 -3.06 1.88 0.74
C PHE A 24 -4.12 2.32 -0.26
N ILE A 25 -3.72 2.48 -1.51
CA ILE A 25 -4.63 2.90 -2.57
C ILE A 25 -4.63 1.91 -3.73
N ASN A 26 -5.83 1.56 -4.20
CA ASN A 26 -5.97 0.62 -5.30
C ASN A 26 -6.36 1.34 -6.58
N HIS A 27 -5.37 1.57 -7.45
CA HIS A 27 -5.62 2.26 -8.72
C HIS A 27 -6.71 1.56 -9.52
N VAL A 28 -6.68 0.23 -9.51
CA VAL A 28 -7.67 -0.57 -10.23
C VAL A 28 -9.07 0.00 -10.04
N THR A 29 -9.37 0.44 -8.82
CA THR A 29 -10.68 1.00 -8.51
C THR A 29 -10.55 2.32 -7.75
N GLN A 30 -9.41 2.98 -7.94
CA GLN A 30 -9.15 4.26 -7.27
C GLN A 30 -9.74 4.27 -5.87
N THR A 31 -9.46 3.22 -5.10
CA THR A 31 -9.97 3.10 -3.74
C THR A 31 -8.88 3.44 -2.73
N THR A 32 -9.23 4.31 -1.77
CA THR A 32 -8.29 4.72 -0.74
C THR A 32 -8.65 4.11 0.61
N SER A 33 -7.78 3.24 1.11
CA SER A 33 -8.01 2.58 2.39
C SER A 33 -6.68 2.29 3.09
N TRP A 34 -6.75 2.07 4.40
CA TRP A 34 -5.57 1.78 5.19
C TRP A 34 -5.58 0.35 5.71
N ILE A 35 -4.92 -0.54 4.97
CA ILE A 35 -4.87 -1.95 5.36
C ILE A 35 -3.64 -2.63 4.76
N HIS A 36 -3.38 -3.86 5.18
CA HIS A 36 -2.24 -4.63 4.70
C HIS A 36 -2.69 -5.86 3.93
N PRO A 37 -2.93 -5.68 2.62
CA PRO A 37 -3.38 -6.78 1.75
C PRO A 37 -2.28 -7.81 1.51
N VAL A 38 -1.11 -7.58 2.10
CA VAL A 38 0.02 -8.49 1.95
C VAL A 38 0.15 -9.39 3.18
N MET A 39 0.18 -10.70 2.93
CA MET A 39 0.31 -11.68 4.01
C MET A 39 1.77 -11.82 4.43
N SER A 40 2.64 -12.07 3.46
CA SER A 40 4.06 -12.24 3.74
C SER A 40 4.75 -10.89 3.90
N GLY A 1 8.40 -8.51 8.29
CA GLY A 1 8.22 -9.86 7.79
C GLY A 1 8.15 -9.92 6.28
N SER A 2 8.94 -10.79 5.68
CA SER A 2 8.98 -10.94 4.23
C SER A 2 8.91 -9.58 3.54
N SER A 3 9.57 -8.59 4.15
CA SER A 3 9.58 -7.23 3.60
C SER A 3 10.72 -7.06 2.60
N GLY A 4 10.37 -6.88 1.34
CA GLY A 4 11.37 -6.71 0.30
C GLY A 4 11.14 -7.61 -0.89
N SER A 5 11.28 -8.92 -0.68
CA SER A 5 11.09 -9.89 -1.75
C SER A 5 9.69 -9.76 -2.35
N SER A 6 8.69 -9.67 -1.50
CA SER A 6 7.31 -9.54 -1.94
C SER A 6 6.65 -8.31 -1.34
N GLY A 7 6.43 -7.29 -2.17
CA GLY A 7 5.82 -6.07 -1.71
C GLY A 7 4.30 -6.13 -1.75
N LEU A 8 3.68 -5.16 -2.40
CA LEU A 8 2.23 -5.11 -2.50
C LEU A 8 1.75 -5.80 -3.77
N PRO A 9 0.50 -6.29 -3.74
CA PRO A 9 -0.11 -7.00 -4.88
C PRO A 9 -0.40 -6.06 -6.04
N TYR A 10 -0.66 -6.64 -7.21
CA TYR A 10 -0.95 -5.85 -8.40
C TYR A 10 -2.21 -5.01 -8.21
N GLY A 11 -2.08 -3.71 -8.38
CA GLY A 11 -3.20 -2.81 -8.22
C GLY A 11 -3.07 -1.90 -7.02
N TRP A 12 -2.46 -2.44 -5.96
CA TRP A 12 -2.26 -1.67 -4.72
C TRP A 12 -0.92 -0.95 -4.73
N GLU A 13 -0.82 0.12 -3.96
CA GLU A 13 0.42 0.89 -3.88
C GLU A 13 0.48 1.68 -2.57
N GLU A 14 1.58 1.50 -1.84
CA GLU A 14 1.76 2.20 -0.57
C GLU A 14 2.11 3.66 -0.80
N ALA A 15 1.22 4.55 -0.38
CA ALA A 15 1.42 5.99 -0.54
C ALA A 15 1.39 6.69 0.80
N TYR A 16 2.34 7.60 1.02
CA TYR A 16 2.43 8.34 2.26
C TYR A 16 1.96 9.79 2.07
N THR A 17 1.57 10.42 3.17
CA THR A 17 1.11 11.81 3.13
C THR A 17 2.23 12.77 3.48
N ALA A 18 2.02 14.05 3.17
CA ALA A 18 3.01 15.07 3.45
C ALA A 18 3.48 15.00 4.91
N ASP A 19 2.64 14.42 5.76
CA ASP A 19 2.97 14.28 7.18
C ASP A 19 3.95 13.13 7.40
N GLY A 20 3.66 11.99 6.79
CA GLY A 20 4.52 10.83 6.92
C GLY A 20 3.74 9.53 7.02
N ILE A 21 2.47 9.63 7.39
CA ILE A 21 1.61 8.46 7.52
C ILE A 21 1.65 7.61 6.26
N LYS A 22 1.25 6.35 6.38
CA LYS A 22 1.21 5.44 5.25
C LYS A 22 -0.19 4.89 5.02
N TYR A 23 -0.63 4.91 3.77
CA TYR A 23 -1.97 4.41 3.43
C TYR A 23 -1.92 3.57 2.16
N PHE A 24 -2.90 2.68 2.01
CA PHE A 24 -2.97 1.81 0.84
C PHE A 24 -4.00 2.34 -0.17
N ILE A 25 -3.57 2.45 -1.42
CA ILE A 25 -4.45 2.95 -2.48
C ILE A 25 -4.43 2.00 -3.68
N ASN A 26 -5.63 1.67 -4.18
CA ASN A 26 -5.75 0.79 -5.33
C ASN A 26 -6.14 1.57 -6.58
N HIS A 27 -5.14 1.87 -7.41
CA HIS A 27 -5.38 2.61 -8.64
C HIS A 27 -6.49 1.97 -9.46
N VAL A 28 -6.46 0.64 -9.55
CA VAL A 28 -7.46 -0.09 -10.30
C VAL A 28 -8.85 0.47 -10.08
N THR A 29 -9.15 0.81 -8.83
CA THR A 29 -10.45 1.37 -8.48
C THR A 29 -10.31 2.64 -7.65
N GLN A 30 -9.17 3.33 -7.82
CA GLN A 30 -8.91 4.56 -7.09
C GLN A 30 -9.50 4.48 -5.67
N THR A 31 -9.28 3.35 -5.00
CA THR A 31 -9.79 3.16 -3.66
C THR A 31 -8.72 3.47 -2.61
N THR A 32 -9.09 4.27 -1.62
CA THR A 32 -8.15 4.64 -0.56
C THR A 32 -8.55 4.00 0.77
N SER A 33 -7.71 3.09 1.25
CA SER A 33 -7.96 2.40 2.51
C SER A 33 -6.65 2.11 3.24
N TRP A 34 -6.75 1.92 4.55
CA TRP A 34 -5.58 1.62 5.37
C TRP A 34 -5.60 0.18 5.86
N ILE A 35 -4.93 -0.70 5.12
CA ILE A 35 -4.87 -2.11 5.48
C ILE A 35 -3.70 -2.81 4.80
N HIS A 36 -3.35 -3.99 5.29
CA HIS A 36 -2.25 -4.76 4.72
C HIS A 36 -2.76 -5.99 3.97
N PRO A 37 -3.07 -5.81 2.68
CA PRO A 37 -3.58 -6.89 1.84
C PRO A 37 -2.52 -7.95 1.54
N VAL A 38 -1.28 -7.67 1.96
CA VAL A 38 -0.18 -8.61 1.75
C VAL A 38 -0.01 -9.53 2.94
N MET A 39 0.52 -10.72 2.69
CA MET A 39 0.73 -11.71 3.74
C MET A 39 2.22 -12.03 3.89
N SER A 40 2.65 -12.29 5.11
CA SER A 40 4.05 -12.61 5.38
C SER A 40 4.43 -13.95 4.77
N GLY A 1 17.67 -0.50 -10.58
CA GLY A 1 16.25 -0.20 -10.61
C GLY A 1 15.41 -1.44 -10.30
N SER A 2 14.23 -1.51 -10.91
CA SER A 2 13.33 -2.64 -10.69
C SER A 2 12.85 -3.22 -12.03
N SER A 3 12.30 -4.42 -11.97
CA SER A 3 11.81 -5.10 -13.17
C SER A 3 10.29 -5.12 -13.20
N GLY A 4 9.69 -5.77 -12.20
CA GLY A 4 8.25 -5.86 -12.13
C GLY A 4 7.71 -5.37 -10.80
N SER A 5 6.43 -5.00 -10.79
CA SER A 5 5.79 -4.51 -9.57
C SER A 5 5.91 -5.53 -8.44
N SER A 6 6.91 -5.35 -7.59
CA SER A 6 7.12 -6.27 -6.48
C SER A 6 6.58 -5.67 -5.18
N GLY A 7 6.56 -6.48 -4.13
CA GLY A 7 6.07 -6.02 -2.84
C GLY A 7 4.56 -6.16 -2.72
N LEU A 8 3.84 -5.11 -3.08
CA LEU A 8 2.38 -5.12 -3.01
C LEU A 8 1.78 -5.78 -4.24
N PRO A 9 0.55 -6.31 -4.08
CA PRO A 9 -0.16 -6.97 -5.18
C PRO A 9 -0.62 -6.00 -6.26
N TYR A 10 -0.50 -6.42 -7.52
CA TYR A 10 -0.89 -5.59 -8.64
C TYR A 10 -2.18 -4.83 -8.34
N GLY A 11 -2.13 -3.51 -8.45
CA GLY A 11 -3.30 -2.69 -8.18
C GLY A 11 -3.11 -1.80 -6.96
N TRP A 12 -2.56 -2.35 -5.90
CA TRP A 12 -2.34 -1.60 -4.67
C TRP A 12 -1.00 -0.88 -4.71
N GLU A 13 -0.88 0.17 -3.91
CA GLU A 13 0.35 0.96 -3.87
C GLU A 13 0.46 1.71 -2.55
N GLU A 14 1.58 1.54 -1.85
CA GLU A 14 1.80 2.21 -0.58
C GLU A 14 2.20 3.66 -0.79
N ALA A 15 1.35 4.58 -0.34
CA ALA A 15 1.61 6.00 -0.47
C ALA A 15 1.53 6.71 0.87
N TYR A 16 2.51 7.57 1.14
CA TYR A 16 2.55 8.31 2.39
C TYR A 16 2.17 9.78 2.18
N THR A 17 1.74 10.43 3.26
CA THR A 17 1.35 11.83 3.18
C THR A 17 2.52 12.75 3.50
N ALA A 18 2.31 14.05 3.34
CA ALA A 18 3.36 15.03 3.60
C ALA A 18 3.82 14.96 5.05
N ASP A 19 2.97 14.44 5.92
CA ASP A 19 3.30 14.31 7.33
C ASP A 19 4.18 13.09 7.57
N GLY A 20 3.81 11.97 6.97
CA GLY A 20 4.57 10.75 7.14
C GLY A 20 3.70 9.51 7.17
N ILE A 21 2.42 9.71 7.49
CA ILE A 21 1.48 8.59 7.57
C ILE A 21 1.53 7.75 6.29
N LYS A 22 1.12 6.49 6.42
CA LYS A 22 1.11 5.58 5.28
C LYS A 22 -0.29 5.01 5.04
N TYR A 23 -0.70 5.00 3.78
CA TYR A 23 -2.02 4.50 3.42
C TYR A 23 -1.95 3.64 2.16
N PHE A 24 -2.93 2.77 1.99
CA PHE A 24 -2.98 1.89 0.81
C PHE A 24 -4.04 2.36 -0.17
N ILE A 25 -3.64 2.49 -1.43
CA ILE A 25 -4.55 2.94 -2.48
C ILE A 25 -4.54 1.98 -3.67
N ASN A 26 -5.72 1.66 -4.18
CA ASN A 26 -5.84 0.76 -5.31
C ASN A 26 -6.25 1.51 -6.57
N HIS A 27 -5.28 1.84 -7.41
CA HIS A 27 -5.54 2.57 -8.65
C HIS A 27 -6.58 1.84 -9.49
N VAL A 28 -6.39 0.54 -9.67
CA VAL A 28 -7.31 -0.27 -10.46
C VAL A 28 -8.76 0.09 -10.15
N THR A 29 -9.03 0.44 -8.89
CA THR A 29 -10.37 0.82 -8.47
C THR A 29 -10.35 2.14 -7.71
N GLN A 30 -9.30 2.92 -7.91
CA GLN A 30 -9.17 4.22 -7.25
C GLN A 30 -9.77 4.18 -5.85
N THR A 31 -9.42 3.15 -5.08
CA THR A 31 -9.93 3.00 -3.72
C THR A 31 -8.88 3.37 -2.69
N THR A 32 -9.28 4.17 -1.69
CA THR A 32 -8.37 4.59 -0.64
C THR A 32 -8.73 3.95 0.69
N SER A 33 -7.84 3.09 1.19
CA SER A 33 -8.07 2.41 2.46
C SER A 33 -6.76 2.17 3.19
N TRP A 34 -6.84 2.00 4.50
CA TRP A 34 -5.65 1.77 5.32
C TRP A 34 -5.63 0.33 5.85
N ILE A 35 -4.94 -0.54 5.14
CA ILE A 35 -4.83 -1.94 5.53
C ILE A 35 -3.63 -2.62 4.88
N HIS A 36 -3.36 -3.85 5.28
CA HIS A 36 -2.24 -4.60 4.73
C HIS A 36 -2.73 -5.88 4.04
N PRO A 37 -3.04 -5.75 2.73
CA PRO A 37 -3.53 -6.88 1.93
C PRO A 37 -2.45 -7.93 1.69
N VAL A 38 -1.27 -7.71 2.26
CA VAL A 38 -0.15 -8.63 2.12
C VAL A 38 0.07 -9.44 3.39
N MET A 39 -0.73 -10.48 3.57
CA MET A 39 -0.62 -11.34 4.75
C MET A 39 0.84 -11.75 4.99
N SER A 40 1.26 -11.69 6.25
CA SER A 40 2.62 -12.05 6.61
C SER A 40 2.81 -13.56 6.63
N GLY A 1 12.82 -2.47 11.40
CA GLY A 1 11.65 -3.20 11.85
C GLY A 1 10.48 -3.08 10.89
N SER A 2 9.63 -2.09 11.10
CA SER A 2 8.47 -1.89 10.26
C SER A 2 8.88 -1.27 8.92
N SER A 3 9.13 -2.11 7.93
CA SER A 3 9.52 -1.65 6.61
C SER A 3 8.98 -2.57 5.51
N GLY A 4 8.89 -2.06 4.30
CA GLY A 4 8.39 -2.84 3.19
C GLY A 4 9.39 -3.89 2.72
N SER A 5 8.97 -5.14 2.71
CA SER A 5 9.84 -6.24 2.29
C SER A 5 9.30 -6.89 1.01
N SER A 6 8.03 -7.26 1.03
CA SER A 6 7.40 -7.90 -0.12
C SER A 6 6.63 -6.88 -0.95
N GLY A 7 6.85 -6.89 -2.26
CA GLY A 7 6.17 -5.97 -3.14
C GLY A 7 4.65 -6.14 -3.11
N LEU A 8 3.95 -5.05 -2.85
CA LEU A 8 2.49 -5.08 -2.79
C LEU A 8 1.92 -5.78 -4.01
N PRO A 9 0.68 -6.31 -3.86
CA PRO A 9 -0.01 -7.02 -4.95
C PRO A 9 -0.43 -6.08 -6.07
N TYR A 10 -0.30 -6.54 -7.30
CA TYR A 10 -0.68 -5.74 -8.47
C TYR A 10 -1.98 -4.99 -8.22
N GLY A 11 -1.99 -3.71 -8.56
CA GLY A 11 -3.18 -2.90 -8.38
C GLY A 11 -3.09 -2.01 -7.15
N TRP A 12 -2.48 -2.55 -6.08
CA TRP A 12 -2.33 -1.80 -4.84
C TRP A 12 -1.04 -0.99 -4.84
N GLU A 13 -1.07 0.16 -4.19
CA GLU A 13 0.09 1.04 -4.12
C GLU A 13 0.15 1.78 -2.78
N GLU A 14 1.16 1.45 -1.99
CA GLU A 14 1.33 2.09 -0.69
C GLU A 14 2.08 3.41 -0.81
N ALA A 15 1.46 4.48 -0.31
CA ALA A 15 2.07 5.80 -0.36
C ALA A 15 2.01 6.49 1.00
N TYR A 16 2.70 7.61 1.13
CA TYR A 16 2.73 8.36 2.37
C TYR A 16 2.31 9.81 2.16
N THR A 17 1.79 10.43 3.20
CA THR A 17 1.35 11.82 3.12
C THR A 17 2.46 12.78 3.55
N ALA A 18 2.33 14.04 3.14
CA ALA A 18 3.32 15.06 3.50
C ALA A 18 3.73 14.95 4.96
N ASP A 19 2.78 14.54 5.80
CA ASP A 19 3.05 14.40 7.23
C ASP A 19 3.93 13.17 7.50
N GLY A 20 3.64 12.08 6.81
CA GLY A 20 4.41 10.87 6.98
C GLY A 20 3.54 9.63 7.03
N ILE A 21 2.29 9.81 7.45
CA ILE A 21 1.35 8.69 7.54
C ILE A 21 1.43 7.80 6.29
N LYS A 22 1.06 6.54 6.45
CA LYS A 22 1.08 5.58 5.34
C LYS A 22 -0.30 4.99 5.11
N TYR A 23 -0.72 4.95 3.85
CA TYR A 23 -2.03 4.40 3.49
C TYR A 23 -1.93 3.54 2.24
N PHE A 24 -2.93 2.69 2.03
CA PHE A 24 -2.95 1.80 0.87
C PHE A 24 -4.03 2.24 -0.11
N ILE A 25 -3.63 2.49 -1.35
CA ILE A 25 -4.56 2.92 -2.39
C ILE A 25 -4.54 1.95 -3.58
N ASN A 26 -5.71 1.67 -4.12
CA ASN A 26 -5.84 0.77 -5.26
C ASN A 26 -6.18 1.54 -6.52
N HIS A 27 -5.17 1.79 -7.36
CA HIS A 27 -5.37 2.52 -8.60
C HIS A 27 -6.46 1.86 -9.45
N VAL A 28 -6.45 0.53 -9.49
CA VAL A 28 -7.44 -0.21 -10.25
C VAL A 28 -8.85 0.34 -10.02
N THR A 29 -9.16 0.64 -8.76
CA THR A 29 -10.47 1.17 -8.41
C THR A 29 -10.34 2.46 -7.62
N GLN A 30 -9.22 3.15 -7.79
CA GLN A 30 -8.97 4.40 -7.09
C GLN A 30 -9.57 4.37 -5.70
N THR A 31 -9.37 3.27 -4.99
CA THR A 31 -9.89 3.11 -3.63
C THR A 31 -8.83 3.45 -2.60
N THR A 32 -9.23 4.22 -1.59
CA THR A 32 -8.31 4.62 -0.53
C THR A 32 -8.67 3.94 0.79
N SER A 33 -7.77 3.09 1.28
CA SER A 33 -8.00 2.38 2.53
C SER A 33 -6.69 2.14 3.27
N TRP A 34 -6.79 1.91 4.57
CA TRP A 34 -5.60 1.67 5.39
C TRP A 34 -5.59 0.24 5.93
N ILE A 35 -4.90 -0.64 5.22
CA ILE A 35 -4.82 -2.05 5.63
C ILE A 35 -3.62 -2.73 4.99
N HIS A 36 -3.48 -4.03 5.23
CA HIS A 36 -2.39 -4.81 4.67
C HIS A 36 -2.90 -5.89 3.73
N PRO A 37 -3.06 -5.53 2.45
CA PRO A 37 -3.55 -6.46 1.42
C PRO A 37 -2.53 -7.55 1.10
N VAL A 38 -1.38 -7.50 1.76
CA VAL A 38 -0.33 -8.48 1.54
C VAL A 38 -0.47 -9.65 2.50
N MET A 39 -0.15 -10.85 2.01
CA MET A 39 -0.24 -12.06 2.82
C MET A 39 1.15 -12.53 3.23
N SER A 40 1.66 -11.97 4.33
CA SER A 40 2.97 -12.35 4.83
C SER A 40 2.87 -13.37 5.96
N GLY A 1 11.26 5.63 -11.38
CA GLY A 1 11.31 4.24 -11.79
C GLY A 1 10.06 3.81 -12.52
N SER A 2 10.22 3.07 -13.61
CA SER A 2 9.10 2.60 -14.41
C SER A 2 8.12 1.79 -13.54
N SER A 3 6.94 1.53 -14.08
CA SER A 3 5.93 0.77 -13.36
C SER A 3 6.53 -0.47 -12.70
N GLY A 4 6.33 -0.60 -11.40
CA GLY A 4 6.86 -1.74 -10.68
C GLY A 4 6.05 -2.06 -9.43
N SER A 5 6.28 -3.25 -8.88
CA SER A 5 5.56 -3.68 -7.68
C SER A 5 6.35 -3.35 -6.43
N SER A 6 5.87 -2.35 -5.69
CA SER A 6 6.53 -1.92 -4.46
C SER A 6 6.07 -2.76 -3.26
N GLY A 7 6.11 -4.08 -3.43
CA GLY A 7 5.70 -4.97 -2.36
C GLY A 7 4.24 -5.35 -2.46
N LEU A 8 3.36 -4.37 -2.29
CA LEU A 8 1.92 -4.61 -2.35
C LEU A 8 1.55 -5.31 -3.66
N PRO A 9 0.40 -6.01 -3.65
CA PRO A 9 -0.09 -6.73 -4.82
C PRO A 9 -0.56 -5.79 -5.93
N TYR A 10 -0.41 -6.23 -7.17
CA TYR A 10 -0.82 -5.43 -8.32
C TYR A 10 -2.07 -4.61 -8.00
N GLY A 11 -2.16 -3.42 -8.59
CA GLY A 11 -3.31 -2.57 -8.36
C GLY A 11 -3.15 -1.70 -7.12
N TRP A 12 -2.42 -2.22 -6.13
CA TRP A 12 -2.20 -1.50 -4.89
C TRP A 12 -0.85 -0.77 -4.93
N GLU A 13 -0.72 0.26 -4.10
CA GLU A 13 0.51 1.04 -4.04
C GLU A 13 0.64 1.75 -2.69
N GLU A 14 1.77 1.54 -2.02
CA GLU A 14 2.01 2.17 -0.72
C GLU A 14 2.42 3.63 -0.89
N ALA A 15 1.57 4.53 -0.44
CA ALA A 15 1.84 5.96 -0.54
C ALA A 15 1.74 6.64 0.83
N TYR A 16 2.70 7.51 1.12
CA TYR A 16 2.71 8.22 2.39
C TYR A 16 2.30 9.68 2.21
N THR A 17 1.90 10.31 3.31
CA THR A 17 1.47 11.71 3.27
C THR A 17 2.60 12.63 3.75
N ALA A 18 2.45 13.92 3.45
CA ALA A 18 3.45 14.91 3.84
C ALA A 18 3.78 14.79 5.33
N ASP A 19 2.81 14.34 6.12
CA ASP A 19 3.00 14.17 7.55
C ASP A 19 3.84 12.94 7.85
N GLY A 20 3.78 11.95 6.96
CA GLY A 20 4.55 10.74 7.15
C GLY A 20 3.68 9.50 7.20
N ILE A 21 2.39 9.69 7.48
CA ILE A 21 1.45 8.58 7.56
C ILE A 21 1.51 7.73 6.28
N LYS A 22 1.11 6.47 6.40
CA LYS A 22 1.11 5.56 5.27
C LYS A 22 -0.29 5.00 5.02
N TYR A 23 -0.72 5.03 3.77
CA TYR A 23 -2.04 4.52 3.40
C TYR A 23 -1.96 3.66 2.14
N PHE A 24 -2.99 2.84 1.93
CA PHE A 24 -3.03 1.96 0.77
C PHE A 24 -4.08 2.45 -0.23
N ILE A 25 -3.72 2.41 -1.52
CA ILE A 25 -4.63 2.86 -2.57
C ILE A 25 -4.63 1.87 -3.74
N ASN A 26 -5.83 1.53 -4.21
CA ASN A 26 -5.97 0.59 -5.32
C ASN A 26 -6.35 1.32 -6.60
N HIS A 27 -5.38 1.54 -7.47
CA HIS A 27 -5.62 2.22 -8.74
C HIS A 27 -6.71 1.52 -9.54
N VAL A 28 -6.68 0.19 -9.52
CA VAL A 28 -7.67 -0.60 -10.24
C VAL A 28 -9.08 -0.04 -10.04
N THR A 29 -9.38 0.35 -8.81
CA THR A 29 -10.69 0.91 -8.49
C THR A 29 -10.56 2.25 -7.76
N GLN A 30 -9.42 2.91 -7.94
CA GLN A 30 -9.17 4.19 -7.31
C GLN A 30 -9.75 4.22 -5.90
N THR A 31 -9.50 3.17 -5.14
CA THR A 31 -10.00 3.07 -3.77
C THR A 31 -8.92 3.41 -2.76
N THR A 32 -9.25 4.25 -1.79
CA THR A 32 -8.31 4.66 -0.76
C THR A 32 -8.67 4.06 0.59
N SER A 33 -7.82 3.16 1.09
CA SER A 33 -8.05 2.51 2.36
C SER A 33 -6.73 2.28 3.10
N TRP A 34 -6.82 2.08 4.41
CA TRP A 34 -5.63 1.85 5.23
C TRP A 34 -5.62 0.42 5.77
N ILE A 35 -4.92 -0.46 5.05
CA ILE A 35 -4.82 -1.86 5.45
C ILE A 35 -3.62 -2.54 4.80
N HIS A 36 -3.29 -3.73 5.27
CA HIS A 36 -2.16 -4.49 4.74
C HIS A 36 -2.64 -5.76 4.05
N PRO A 37 -2.98 -5.65 2.76
CA PRO A 37 -3.45 -6.78 1.97
C PRO A 37 -2.35 -7.81 1.70
N VAL A 38 -1.14 -7.50 2.16
CA VAL A 38 0.00 -8.39 1.97
C VAL A 38 0.22 -9.27 3.19
N MET A 39 0.54 -10.54 2.95
CA MET A 39 0.79 -11.49 4.04
C MET A 39 2.15 -12.15 3.88
N SER A 40 2.44 -12.63 2.68
CA SER A 40 3.72 -13.29 2.41
C SER A 40 4.69 -12.35 1.73
N GLY A 1 11.20 -18.31 11.20
CA GLY A 1 10.37 -18.31 10.02
C GLY A 1 10.86 -17.34 8.96
N SER A 2 10.79 -17.77 7.70
CA SER A 2 11.23 -16.92 6.59
C SER A 2 10.15 -15.93 6.21
N SER A 3 9.51 -15.34 7.20
CA SER A 3 8.44 -14.37 6.97
C SER A 3 9.01 -13.09 6.35
N GLY A 4 8.94 -12.99 5.03
CA GLY A 4 9.45 -11.82 4.34
C GLY A 4 8.37 -11.13 3.51
N SER A 5 7.44 -10.46 4.20
CA SER A 5 6.37 -9.75 3.52
C SER A 5 6.89 -8.50 2.81
N SER A 6 6.72 -8.45 1.50
CA SER A 6 7.18 -7.31 0.71
C SER A 6 6.54 -7.32 -0.68
N GLY A 7 6.72 -6.22 -1.41
CA GLY A 7 6.15 -6.11 -2.73
C GLY A 7 4.64 -6.26 -2.74
N LEU A 8 3.94 -5.14 -2.79
CA LEU A 8 2.48 -5.15 -2.80
C LEU A 8 1.94 -5.83 -4.06
N PRO A 9 0.71 -6.35 -3.98
CA PRO A 9 0.06 -7.03 -5.10
C PRO A 9 -0.33 -6.06 -6.21
N TYR A 10 -0.15 -6.48 -7.46
CA TYR A 10 -0.48 -5.65 -8.60
C TYR A 10 -1.79 -4.93 -8.39
N GLY A 11 -1.78 -3.61 -8.57
CA GLY A 11 -2.98 -2.82 -8.39
C GLY A 11 -2.90 -1.90 -7.19
N TRP A 12 -2.37 -2.42 -6.09
CA TRP A 12 -2.23 -1.63 -4.87
C TRP A 12 -0.94 -0.83 -4.87
N GLU A 13 -0.91 0.23 -4.08
CA GLU A 13 0.28 1.08 -3.99
C GLU A 13 0.34 1.81 -2.65
N GLU A 14 1.35 1.47 -1.85
CA GLU A 14 1.52 2.08 -0.55
C GLU A 14 2.32 3.38 -0.64
N ALA A 15 1.72 4.47 -0.20
CA ALA A 15 2.38 5.77 -0.24
C ALA A 15 2.33 6.46 1.11
N TYR A 16 2.92 7.65 1.20
CA TYR A 16 2.93 8.41 2.45
C TYR A 16 2.50 9.85 2.21
N THR A 17 1.94 10.47 3.25
CA THR A 17 1.48 11.85 3.16
C THR A 17 2.59 12.83 3.51
N ALA A 18 2.32 14.11 3.36
CA ALA A 18 3.30 15.15 3.67
C ALA A 18 3.68 15.12 5.15
N ASP A 19 2.90 14.39 5.94
CA ASP A 19 3.16 14.28 7.37
C ASP A 19 4.06 13.09 7.67
N GLY A 20 3.76 11.96 7.04
CA GLY A 20 4.56 10.76 7.26
C GLY A 20 3.71 9.50 7.23
N ILE A 21 2.44 9.63 7.60
CA ILE A 21 1.53 8.49 7.62
C ILE A 21 1.51 7.78 6.27
N LYS A 22 1.16 6.50 6.28
CA LYS A 22 1.10 5.72 5.06
C LYS A 22 -0.30 5.12 4.87
N TYR A 23 -0.75 5.07 3.62
CA TYR A 23 -2.07 4.52 3.30
C TYR A 23 -2.01 3.64 2.06
N PHE A 24 -3.01 2.79 1.90
CA PHE A 24 -3.08 1.89 0.75
C PHE A 24 -4.17 2.33 -0.22
N ILE A 25 -3.80 2.54 -1.47
CA ILE A 25 -4.75 2.96 -2.50
C ILE A 25 -4.73 2.00 -3.68
N ASN A 26 -5.91 1.63 -4.16
CA ASN A 26 -6.04 0.73 -5.29
C ASN A 26 -6.45 1.49 -6.55
N HIS A 27 -5.48 1.78 -7.41
CA HIS A 27 -5.75 2.50 -8.65
C HIS A 27 -6.80 1.78 -9.48
N VAL A 28 -6.62 0.47 -9.64
CA VAL A 28 -7.56 -0.34 -10.41
C VAL A 28 -9.00 0.03 -10.09
N THR A 29 -9.23 0.45 -8.85
CA THR A 29 -10.57 0.83 -8.42
C THR A 29 -10.55 2.17 -7.69
N GLN A 30 -9.48 2.93 -7.89
CA GLN A 30 -9.33 4.23 -7.25
C GLN A 30 -9.95 4.23 -5.86
N THR A 31 -9.55 3.26 -5.05
CA THR A 31 -10.06 3.15 -3.68
C THR A 31 -8.98 3.47 -2.65
N THR A 32 -9.33 4.30 -1.67
CA THR A 32 -8.39 4.70 -0.64
C THR A 32 -8.76 4.05 0.70
N SER A 33 -7.88 3.17 1.19
CA SER A 33 -8.11 2.49 2.46
C SER A 33 -6.80 2.25 3.19
N TRP A 34 -6.89 2.02 4.50
CA TRP A 34 -5.71 1.77 5.31
C TRP A 34 -5.71 0.34 5.86
N ILE A 35 -5.03 -0.55 5.15
CA ILE A 35 -4.96 -1.95 5.58
C ILE A 35 -3.70 -2.61 5.03
N HIS A 36 -3.55 -3.91 5.31
CA HIS A 36 -2.40 -4.66 4.84
C HIS A 36 -2.82 -5.89 4.06
N PRO A 37 -3.03 -5.71 2.74
CA PRO A 37 -3.45 -6.79 1.84
C PRO A 37 -2.34 -7.83 1.64
N VAL A 38 -1.22 -7.64 2.32
CA VAL A 38 -0.10 -8.56 2.21
C VAL A 38 0.20 -9.23 3.55
N MET A 39 -0.45 -10.35 3.81
CA MET A 39 -0.25 -11.09 5.04
C MET A 39 0.61 -12.31 4.82
N SER A 40 1.03 -12.96 5.91
CA SER A 40 1.87 -14.15 5.83
C SER A 40 1.66 -15.04 7.04
N GLY A 1 22.77 -4.27 7.27
CA GLY A 1 21.90 -4.51 8.41
C GLY A 1 20.44 -4.63 8.00
N SER A 2 19.70 -3.52 8.08
CA SER A 2 18.29 -3.51 7.73
C SER A 2 18.09 -3.98 6.28
N SER A 3 16.84 -4.23 5.92
CA SER A 3 16.51 -4.68 4.58
C SER A 3 15.00 -4.61 4.34
N GLY A 4 14.61 -3.78 3.37
CA GLY A 4 13.20 -3.64 3.06
C GLY A 4 12.95 -3.49 1.56
N SER A 5 11.74 -3.83 1.13
CA SER A 5 11.37 -3.74 -0.28
C SER A 5 9.86 -3.80 -0.46
N SER A 6 9.35 -3.01 -1.40
CA SER A 6 7.92 -2.96 -1.66
C SER A 6 7.51 -4.07 -2.63
N GLY A 7 6.56 -4.89 -2.22
CA GLY A 7 6.09 -5.98 -3.07
C GLY A 7 4.59 -6.17 -3.00
N LEU A 8 3.85 -5.05 -3.01
CA LEU A 8 2.40 -5.11 -2.95
C LEU A 8 1.83 -5.77 -4.20
N PRO A 9 0.60 -6.31 -4.08
CA PRO A 9 -0.08 -6.97 -5.19
C PRO A 9 -0.51 -5.98 -6.27
N TYR A 10 -0.41 -6.41 -7.52
CA TYR A 10 -0.79 -5.56 -8.65
C TYR A 10 -2.10 -4.84 -8.37
N GLY A 11 -2.06 -3.51 -8.44
CA GLY A 11 -3.26 -2.72 -8.19
C GLY A 11 -3.12 -1.83 -6.97
N TRP A 12 -2.51 -2.36 -5.91
CA TRP A 12 -2.32 -1.61 -4.68
C TRP A 12 -0.99 -0.88 -4.69
N GLU A 13 -0.89 0.19 -3.92
CA GLU A 13 0.33 0.98 -3.84
C GLU A 13 0.39 1.76 -2.53
N GLU A 14 1.50 1.61 -1.81
CA GLU A 14 1.68 2.30 -0.54
C GLU A 14 2.07 3.76 -0.76
N ALA A 15 1.18 4.67 -0.39
CA ALA A 15 1.43 6.10 -0.55
C ALA A 15 1.42 6.81 0.80
N TYR A 16 2.44 7.61 1.05
CA TYR A 16 2.56 8.35 2.30
C TYR A 16 2.15 9.81 2.11
N THR A 17 1.71 10.44 3.20
CA THR A 17 1.29 11.83 3.16
C THR A 17 2.43 12.76 3.50
N ALA A 18 2.30 14.03 3.12
CA ALA A 18 3.33 15.03 3.39
C ALA A 18 3.73 15.02 4.87
N ASP A 19 2.89 14.42 5.70
CA ASP A 19 3.16 14.33 7.12
C ASP A 19 4.02 13.12 7.45
N GLY A 20 3.75 12.00 6.77
CA GLY A 20 4.52 10.79 7.01
C GLY A 20 3.64 9.56 7.07
N ILE A 21 2.37 9.76 7.42
CA ILE A 21 1.43 8.64 7.52
C ILE A 21 1.50 7.76 6.29
N LYS A 22 1.14 6.48 6.46
CA LYS A 22 1.15 5.53 5.36
C LYS A 22 -0.23 4.92 5.14
N TYR A 23 -0.68 4.91 3.88
CA TYR A 23 -1.98 4.36 3.55
C TYR A 23 -1.91 3.51 2.28
N PHE A 24 -2.90 2.66 2.09
CA PHE A 24 -2.95 1.80 0.91
C PHE A 24 -4.01 2.27 -0.08
N ILE A 25 -3.61 2.40 -1.34
CA ILE A 25 -4.53 2.85 -2.38
C ILE A 25 -4.52 1.90 -3.57
N ASN A 26 -5.70 1.56 -4.07
CA ASN A 26 -5.83 0.66 -5.21
C ASN A 26 -6.18 1.43 -6.47
N HIS A 27 -5.18 1.65 -7.32
CA HIS A 27 -5.37 2.38 -8.57
C HIS A 27 -6.48 1.74 -9.40
N VAL A 28 -6.46 0.41 -9.50
CA VAL A 28 -7.45 -0.31 -10.26
C VAL A 28 -8.84 0.29 -10.07
N THR A 29 -9.15 0.66 -8.83
CA THR A 29 -10.44 1.25 -8.51
C THR A 29 -10.28 2.55 -7.72
N GLN A 30 -9.12 3.17 -7.85
CA GLN A 30 -8.83 4.42 -7.14
C GLN A 30 -9.46 4.40 -5.76
N THR A 31 -9.28 3.30 -5.05
CA THR A 31 -9.82 3.16 -3.70
C THR A 31 -8.77 3.47 -2.64
N THR A 32 -9.14 4.30 -1.67
CA THR A 32 -8.23 4.68 -0.60
C THR A 32 -8.62 4.02 0.72
N SER A 33 -7.77 3.13 1.21
CA SER A 33 -8.03 2.43 2.46
C SER A 33 -6.73 2.19 3.23
N TRP A 34 -6.86 1.88 4.52
CA TRP A 34 -5.70 1.63 5.36
C TRP A 34 -5.69 0.19 5.86
N ILE A 35 -4.97 -0.67 5.15
CA ILE A 35 -4.88 -2.08 5.53
C ILE A 35 -3.66 -2.74 4.89
N HIS A 36 -3.47 -4.02 5.18
CA HIS A 36 -2.34 -4.77 4.64
C HIS A 36 -2.82 -6.03 3.93
N PRO A 37 -3.14 -5.91 2.64
CA PRO A 37 -3.62 -7.03 1.82
C PRO A 37 -2.52 -8.06 1.55
N VAL A 38 -1.34 -7.81 2.10
CA VAL A 38 -0.21 -8.72 1.93
C VAL A 38 0.00 -9.60 3.16
N MET A 39 0.49 -10.81 2.95
CA MET A 39 0.74 -11.74 4.04
C MET A 39 2.16 -12.28 4.00
N SER A 40 2.55 -12.79 2.83
CA SER A 40 3.89 -13.34 2.66
C SER A 40 4.50 -12.88 1.33
N GLY A 1 12.09 11.72 -8.47
CA GLY A 1 12.69 10.41 -8.19
C GLY A 1 11.65 9.37 -7.80
N SER A 2 11.77 8.18 -8.38
CA SER A 2 10.83 7.11 -8.09
C SER A 2 11.53 5.94 -7.40
N SER A 3 11.51 5.94 -6.07
CA SER A 3 12.15 4.89 -5.29
C SER A 3 11.16 4.27 -4.31
N GLY A 4 10.40 3.29 -4.78
CA GLY A 4 9.43 2.63 -3.92
C GLY A 4 9.69 1.14 -3.78
N SER A 5 9.83 0.68 -2.55
CA SER A 5 10.09 -0.73 -2.28
C SER A 5 8.98 -1.61 -2.85
N SER A 6 9.36 -2.56 -3.68
CA SER A 6 8.40 -3.47 -4.30
C SER A 6 7.93 -4.53 -3.30
N GLY A 7 6.69 -4.96 -3.45
CA GLY A 7 6.14 -5.97 -2.57
C GLY A 7 4.64 -6.09 -2.68
N LEU A 8 3.94 -4.97 -2.53
CA LEU A 8 2.48 -4.95 -2.62
C LEU A 8 2.01 -5.67 -3.88
N PRO A 9 0.77 -6.18 -3.84
CA PRO A 9 0.16 -6.88 -4.97
C PRO A 9 -0.15 -5.96 -6.15
N TYR A 10 -0.20 -6.52 -7.34
CA TYR A 10 -0.49 -5.74 -8.55
C TYR A 10 -1.79 -4.96 -8.39
N GLY A 11 -1.71 -3.65 -8.52
CA GLY A 11 -2.88 -2.81 -8.38
C GLY A 11 -2.78 -1.85 -7.21
N TRP A 12 -2.32 -2.36 -6.07
CA TRP A 12 -2.17 -1.55 -4.88
C TRP A 12 -0.86 -0.78 -4.89
N GLU A 13 -0.78 0.27 -4.07
CA GLU A 13 0.43 1.08 -4.00
C GLU A 13 0.50 1.82 -2.66
N GLU A 14 1.61 1.63 -1.94
CA GLU A 14 1.80 2.28 -0.65
C GLU A 14 2.21 3.73 -0.82
N ALA A 15 1.33 4.64 -0.41
CA ALA A 15 1.61 6.07 -0.52
C ALA A 15 1.56 6.75 0.84
N TYR A 16 2.51 7.64 1.08
CA TYR A 16 2.58 8.35 2.35
C TYR A 16 2.22 9.82 2.17
N THR A 17 1.84 10.47 3.28
CA THR A 17 1.46 11.87 3.24
C THR A 17 2.64 12.78 3.59
N ALA A 18 2.49 14.07 3.35
CA ALA A 18 3.55 15.03 3.65
C ALA A 18 3.96 14.96 5.11
N ASP A 19 3.12 14.34 5.93
CA ASP A 19 3.40 14.21 7.35
C ASP A 19 4.25 12.97 7.62
N GLY A 20 3.88 11.86 6.99
CA GLY A 20 4.62 10.62 7.18
C GLY A 20 3.71 9.40 7.19
N ILE A 21 2.44 9.62 7.53
CA ILE A 21 1.46 8.54 7.58
C ILE A 21 1.49 7.71 6.30
N LYS A 22 1.09 6.45 6.40
CA LYS A 22 1.06 5.56 5.25
C LYS A 22 -0.35 5.00 5.03
N TYR A 23 -0.77 4.99 3.77
CA TYR A 23 -2.10 4.48 3.42
C TYR A 23 -2.04 3.62 2.17
N PHE A 24 -3.04 2.78 2.00
CA PHE A 24 -3.11 1.88 0.85
C PHE A 24 -4.16 2.36 -0.15
N ILE A 25 -3.75 2.50 -1.42
CA ILE A 25 -4.66 2.95 -2.47
C ILE A 25 -4.64 1.98 -3.65
N ASN A 26 -5.83 1.65 -4.13
CA ASN A 26 -5.96 0.73 -5.26
C ASN A 26 -6.40 1.49 -6.52
N HIS A 27 -5.44 1.73 -7.41
CA HIS A 27 -5.72 2.44 -8.66
C HIS A 27 -6.79 1.71 -9.46
N VAL A 28 -6.64 0.40 -9.61
CA VAL A 28 -7.59 -0.41 -10.35
C VAL A 28 -9.02 -0.01 -10.03
N THR A 29 -9.26 0.38 -8.79
CA THR A 29 -10.59 0.80 -8.35
C THR A 29 -10.54 2.15 -7.66
N GLN A 30 -9.45 2.88 -7.87
CA GLN A 30 -9.28 4.20 -7.27
C GLN A 30 -9.89 4.23 -5.87
N THR A 31 -9.54 3.26 -5.05
CA THR A 31 -10.04 3.17 -3.69
C THR A 31 -8.95 3.50 -2.67
N THR A 32 -9.30 4.33 -1.69
CA THR A 32 -8.35 4.72 -0.65
C THR A 32 -8.72 4.11 0.70
N SER A 33 -7.87 3.21 1.19
CA SER A 33 -8.12 2.56 2.47
C SER A 33 -6.80 2.29 3.19
N TRP A 34 -6.89 2.04 4.49
CA TRP A 34 -5.71 1.75 5.30
C TRP A 34 -5.73 0.32 5.82
N ILE A 35 -5.07 -0.58 5.10
CA ILE A 35 -5.02 -1.98 5.49
C ILE A 35 -3.77 -2.65 4.93
N HIS A 36 -3.58 -3.92 5.29
CA HIS A 36 -2.42 -4.69 4.82
C HIS A 36 -2.87 -5.91 4.02
N PRO A 37 -3.07 -5.71 2.71
CA PRO A 37 -3.50 -6.79 1.81
C PRO A 37 -2.40 -7.83 1.59
N VAL A 38 -1.28 -7.66 2.27
CA VAL A 38 -0.16 -8.58 2.16
C VAL A 38 0.11 -9.29 3.48
N MET A 39 0.40 -10.58 3.40
CA MET A 39 0.69 -11.38 4.60
C MET A 39 2.15 -11.25 4.99
N SER A 40 3.03 -11.28 4.00
CA SER A 40 4.47 -11.17 4.25
C SER A 40 5.03 -9.90 3.64
N GLY A 1 18.54 0.26 9.17
CA GLY A 1 17.90 -1.03 9.29
C GLY A 1 16.59 -1.11 8.52
N SER A 2 16.29 -2.28 7.97
CA SER A 2 15.06 -2.47 7.21
C SER A 2 14.19 -3.54 7.85
N SER A 3 12.87 -3.30 7.84
CA SER A 3 11.92 -4.23 8.42
C SER A 3 11.84 -5.51 7.60
N GLY A 4 11.66 -5.37 6.29
CA GLY A 4 11.57 -6.53 5.42
C GLY A 4 10.34 -6.50 4.55
N SER A 5 10.05 -5.35 3.96
CA SER A 5 8.87 -5.19 3.10
C SER A 5 9.15 -5.73 1.71
N SER A 6 8.24 -6.58 1.21
CA SER A 6 8.39 -7.17 -0.11
C SER A 6 7.73 -6.28 -1.17
N GLY A 7 6.42 -6.15 -1.08
CA GLY A 7 5.69 -5.33 -2.04
C GLY A 7 4.20 -5.63 -2.06
N LEU A 8 3.40 -4.64 -2.40
CA LEU A 8 1.96 -4.80 -2.45
C LEU A 8 1.53 -5.53 -3.71
N PRO A 9 0.35 -6.16 -3.67
CA PRO A 9 -0.19 -6.90 -4.82
C PRO A 9 -0.62 -5.98 -5.95
N TYR A 10 -0.41 -6.44 -7.18
CA TYR A 10 -0.77 -5.65 -8.36
C TYR A 10 -2.04 -4.84 -8.10
N GLY A 11 -2.05 -3.60 -8.57
CA GLY A 11 -3.21 -2.74 -8.38
C GLY A 11 -3.06 -1.83 -7.19
N TRP A 12 -2.36 -2.29 -6.17
CA TRP A 12 -2.15 -1.51 -4.95
C TRP A 12 -0.82 -0.76 -5.01
N GLU A 13 -0.69 0.29 -4.21
CA GLU A 13 0.53 1.09 -4.17
C GLU A 13 0.64 1.83 -2.84
N GLU A 14 1.78 1.66 -2.18
CA GLU A 14 2.01 2.32 -0.90
C GLU A 14 2.37 3.79 -1.10
N ALA A 15 1.64 4.67 -0.42
CA ALA A 15 1.88 6.10 -0.52
C ALA A 15 1.76 6.78 0.84
N TYR A 16 2.72 7.65 1.15
CA TYR A 16 2.73 8.35 2.42
C TYR A 16 2.34 9.82 2.23
N THR A 17 1.87 10.45 3.31
CA THR A 17 1.47 11.84 3.26
C THR A 17 2.58 12.76 3.75
N ALA A 18 2.48 14.04 3.42
CA ALA A 18 3.48 15.02 3.82
C ALA A 18 3.76 14.94 5.32
N ASP A 19 2.85 14.30 6.05
CA ASP A 19 3.00 14.15 7.49
C ASP A 19 3.88 12.94 7.83
N GLY A 20 3.67 11.84 7.11
CA GLY A 20 4.45 10.65 7.35
C GLY A 20 3.60 9.39 7.35
N ILE A 21 2.30 9.56 7.57
CA ILE A 21 1.37 8.43 7.59
C ILE A 21 1.42 7.66 6.28
N LYS A 22 1.02 6.39 6.33
CA LYS A 22 1.00 5.54 5.15
C LYS A 22 -0.40 5.00 4.88
N TYR A 23 -0.80 5.03 3.62
CA TYR A 23 -2.12 4.54 3.22
C TYR A 23 -2.03 3.68 1.97
N PHE A 24 -2.99 2.76 1.83
CA PHE A 24 -3.02 1.87 0.68
C PHE A 24 -4.11 2.28 -0.31
N ILE A 25 -3.72 2.48 -1.57
CA ILE A 25 -4.65 2.88 -2.60
C ILE A 25 -4.63 1.89 -3.77
N ASN A 26 -5.81 1.57 -4.30
CA ASN A 26 -5.92 0.64 -5.41
C ASN A 26 -6.33 1.38 -6.68
N HIS A 27 -5.37 1.63 -7.56
CA HIS A 27 -5.62 2.32 -8.81
C HIS A 27 -6.75 1.65 -9.59
N VAL A 28 -6.74 0.31 -9.59
CA VAL A 28 -7.76 -0.45 -10.29
C VAL A 28 -9.15 0.14 -10.08
N THR A 29 -9.44 0.51 -8.83
CA THR A 29 -10.73 1.09 -8.49
C THR A 29 -10.56 2.39 -7.72
N GLN A 30 -9.40 3.03 -7.89
CA GLN A 30 -9.11 4.29 -7.21
C GLN A 30 -9.66 4.27 -5.79
N THR A 31 -9.49 3.15 -5.10
CA THR A 31 -9.97 3.01 -3.74
C THR A 31 -8.88 3.35 -2.72
N THR A 32 -9.21 4.19 -1.75
CA THR A 32 -8.26 4.59 -0.73
C THR A 32 -8.61 3.98 0.63
N SER A 33 -7.73 3.13 1.12
CA SER A 33 -7.95 2.47 2.40
C SER A 33 -6.64 2.28 3.15
N TRP A 34 -6.73 2.03 4.46
CA TRP A 34 -5.54 1.82 5.27
C TRP A 34 -5.54 0.42 5.88
N ILE A 35 -4.86 -0.50 5.21
CA ILE A 35 -4.78 -1.88 5.68
C ILE A 35 -3.56 -2.59 5.09
N HIS A 36 -3.36 -3.84 5.50
CA HIS A 36 -2.24 -4.63 5.00
C HIS A 36 -2.73 -5.88 4.28
N PRO A 37 -2.98 -5.73 2.96
CA PRO A 37 -3.46 -6.83 2.12
C PRO A 37 -2.39 -7.91 1.90
N VAL A 38 -1.23 -7.72 2.54
CA VAL A 38 -0.13 -8.66 2.41
C VAL A 38 0.25 -9.25 3.76
N MET A 39 -0.20 -10.47 4.03
CA MET A 39 0.10 -11.13 5.29
C MET A 39 1.35 -12.01 5.16
N SER A 40 2.34 -11.73 5.99
CA SER A 40 3.59 -12.48 5.97
C SER A 40 3.98 -12.94 7.38
N GLY A 1 18.21 -10.58 11.58
CA GLY A 1 18.28 -10.15 10.19
C GLY A 1 16.98 -9.57 9.70
N SER A 2 16.85 -8.25 9.78
CA SER A 2 15.63 -7.58 9.33
C SER A 2 15.68 -7.31 7.83
N SER A 3 15.21 -8.27 7.04
CA SER A 3 15.21 -8.13 5.58
C SER A 3 14.02 -8.89 4.98
N GLY A 4 13.31 -8.22 4.08
CA GLY A 4 12.16 -8.83 3.44
C GLY A 4 11.59 -7.97 2.34
N SER A 5 12.21 -8.00 1.17
CA SER A 5 11.75 -7.21 0.04
C SER A 5 10.23 -7.25 -0.08
N SER A 6 9.59 -6.14 0.27
CA SER A 6 8.14 -6.05 0.21
C SER A 6 7.66 -5.79 -1.21
N GLY A 7 6.44 -6.23 -1.51
CA GLY A 7 5.90 -6.04 -2.84
C GLY A 7 4.39 -6.19 -2.87
N LEU A 8 3.69 -5.10 -2.56
CA LEU A 8 2.23 -5.11 -2.54
C LEU A 8 1.68 -5.82 -3.78
N PRO A 9 0.44 -6.33 -3.66
CA PRO A 9 -0.23 -7.05 -4.76
C PRO A 9 -0.60 -6.12 -5.91
N TYR A 10 -0.51 -6.64 -7.12
CA TYR A 10 -0.84 -5.85 -8.31
C TYR A 10 -2.14 -5.09 -8.12
N GLY A 11 -2.07 -3.77 -8.29
CA GLY A 11 -3.26 -2.95 -8.13
C GLY A 11 -3.13 -1.97 -6.98
N TRP A 12 -2.55 -2.42 -5.88
CA TRP A 12 -2.37 -1.58 -4.71
C TRP A 12 -1.02 -0.86 -4.75
N GLU A 13 -0.90 0.20 -3.97
CA GLU A 13 0.33 0.98 -3.93
C GLU A 13 0.44 1.75 -2.61
N GLU A 14 1.58 1.59 -1.94
CA GLU A 14 1.82 2.26 -0.67
C GLU A 14 2.13 3.75 -0.88
N ALA A 15 1.23 4.62 -0.44
CA ALA A 15 1.41 6.05 -0.59
C ALA A 15 1.40 6.74 0.77
N TYR A 16 2.37 7.61 1.00
CA TYR A 16 2.47 8.35 2.25
C TYR A 16 1.98 9.79 2.09
N THR A 17 1.57 10.39 3.20
CA THR A 17 1.08 11.76 3.18
C THR A 17 2.19 12.75 3.53
N ALA A 18 1.98 14.02 3.16
CA ALA A 18 2.96 15.06 3.44
C ALA A 18 3.46 14.98 4.88
N ASP A 19 2.62 14.45 5.76
CA ASP A 19 2.97 14.32 7.17
C ASP A 19 3.94 13.17 7.39
N GLY A 20 3.68 12.04 6.72
CA GLY A 20 4.53 10.88 6.85
C GLY A 20 3.75 9.59 6.96
N ILE A 21 2.49 9.70 7.38
CA ILE A 21 1.63 8.53 7.52
C ILE A 21 1.67 7.66 6.27
N LYS A 22 1.30 6.40 6.42
CA LYS A 22 1.29 5.46 5.31
C LYS A 22 -0.10 4.87 5.10
N TYR A 23 -0.57 4.86 3.86
CA TYR A 23 -1.88 4.32 3.54
C TYR A 23 -1.83 3.49 2.26
N PHE A 24 -2.83 2.64 2.08
CA PHE A 24 -2.91 1.77 0.90
C PHE A 24 -3.97 2.27 -0.08
N ILE A 25 -3.59 2.38 -1.35
CA ILE A 25 -4.52 2.84 -2.38
C ILE A 25 -4.52 1.90 -3.57
N ASN A 26 -5.71 1.67 -4.13
CA ASN A 26 -5.86 0.79 -5.28
C ASN A 26 -6.17 1.59 -6.54
N HIS A 27 -5.13 1.85 -7.34
CA HIS A 27 -5.30 2.60 -8.59
C HIS A 27 -6.39 1.98 -9.45
N VAL A 28 -6.40 0.65 -9.53
CA VAL A 28 -7.39 -0.05 -10.34
C VAL A 28 -8.80 0.44 -10.03
N THR A 29 -9.05 0.74 -8.75
CA THR A 29 -10.35 1.22 -8.32
C THR A 29 -10.24 2.56 -7.60
N GLN A 30 -9.13 3.25 -7.82
CA GLN A 30 -8.89 4.55 -7.20
C GLN A 30 -9.50 4.59 -5.80
N THR A 31 -9.34 3.50 -5.06
CA THR A 31 -9.86 3.41 -3.70
C THR A 31 -8.77 3.63 -2.67
N THR A 32 -9.09 4.41 -1.63
CA THR A 32 -8.13 4.70 -0.57
C THR A 32 -8.53 4.02 0.74
N SER A 33 -7.68 3.13 1.22
CA SER A 33 -7.94 2.42 2.46
C SER A 33 -6.64 2.13 3.21
N TRP A 34 -6.77 1.82 4.50
CA TRP A 34 -5.61 1.53 5.33
C TRP A 34 -5.64 0.08 5.82
N ILE A 35 -4.95 -0.79 5.09
CA ILE A 35 -4.89 -2.21 5.45
C ILE A 35 -3.68 -2.89 4.80
N HIS A 36 -3.44 -4.13 5.19
CA HIS A 36 -2.33 -4.89 4.66
C HIS A 36 -2.82 -6.05 3.79
N PRO A 37 -3.05 -5.78 2.50
CA PRO A 37 -3.53 -6.78 1.54
C PRO A 37 -2.48 -7.84 1.23
N VAL A 38 -1.33 -7.74 1.90
CA VAL A 38 -0.25 -8.69 1.71
C VAL A 38 -0.29 -9.80 2.74
N MET A 39 -0.36 -11.04 2.28
CA MET A 39 -0.40 -12.19 3.16
C MET A 39 0.00 -13.47 2.43
N SER A 40 0.39 -14.49 3.19
CA SER A 40 0.81 -15.76 2.60
C SER A 40 -0.03 -16.92 3.16
N GLY A 1 12.23 -8.09 10.49
CA GLY A 1 13.14 -9.17 10.18
C GLY A 1 12.63 -10.07 9.06
N SER A 2 12.09 -9.45 8.02
CA SER A 2 11.55 -10.19 6.88
C SER A 2 12.46 -10.07 5.67
N SER A 3 12.43 -11.07 4.80
CA SER A 3 13.25 -11.08 3.59
C SER A 3 12.82 -9.97 2.64
N GLY A 4 13.80 -9.18 2.18
CA GLY A 4 13.50 -8.10 1.26
C GLY A 4 12.36 -7.23 1.74
N SER A 5 11.58 -6.71 0.80
CA SER A 5 10.44 -5.85 1.13
C SER A 5 9.14 -6.49 0.68
N SER A 6 8.05 -6.12 1.35
CA SER A 6 6.73 -6.66 1.02
C SER A 6 6.22 -6.07 -0.28
N GLY A 7 6.04 -6.93 -1.29
CA GLY A 7 5.57 -6.48 -2.57
C GLY A 7 4.05 -6.54 -2.69
N LEU A 8 3.40 -5.39 -2.55
CA LEU A 8 1.95 -5.32 -2.63
C LEU A 8 1.45 -5.94 -3.93
N PRO A 9 0.19 -6.40 -3.92
CA PRO A 9 -0.45 -7.02 -5.09
C PRO A 9 -0.71 -6.02 -6.21
N TYR A 10 -0.53 -6.46 -7.45
CA TYR A 10 -0.75 -5.60 -8.60
C TYR A 10 -2.01 -4.78 -8.44
N GLY A 11 -1.89 -3.47 -8.61
CA GLY A 11 -3.04 -2.59 -8.48
C GLY A 11 -2.95 -1.70 -7.26
N TRP A 12 -2.53 -2.27 -6.14
CA TRP A 12 -2.39 -1.53 -4.89
C TRP A 12 -1.08 -0.74 -4.85
N GLU A 13 -1.04 0.29 -4.03
CA GLU A 13 0.16 1.12 -3.90
C GLU A 13 0.18 1.84 -2.56
N GLU A 14 1.25 1.62 -1.80
CA GLU A 14 1.40 2.24 -0.48
C GLU A 14 2.10 3.60 -0.61
N ALA A 15 1.36 4.67 -0.30
CA ALA A 15 1.90 6.01 -0.38
C ALA A 15 1.91 6.68 1.00
N TYR A 16 2.58 7.82 1.09
CA TYR A 16 2.65 8.56 2.35
C TYR A 16 2.21 10.01 2.17
N THR A 17 1.85 10.66 3.26
CA THR A 17 1.40 12.04 3.23
C THR A 17 2.52 12.99 3.63
N ALA A 18 2.26 14.29 3.52
CA ALA A 18 3.24 15.30 3.88
C ALA A 18 3.69 15.15 5.32
N ASP A 19 2.88 14.46 6.12
CA ASP A 19 3.19 14.25 7.53
C ASP A 19 4.13 13.07 7.71
N GLY A 20 3.81 11.95 7.05
CA GLY A 20 4.64 10.77 7.15
C GLY A 20 3.82 9.49 7.17
N ILE A 21 2.56 9.60 7.57
CA ILE A 21 1.68 8.45 7.64
C ILE A 21 1.68 7.68 6.32
N LYS A 22 1.29 6.41 6.38
CA LYS A 22 1.25 5.57 5.18
C LYS A 22 -0.15 5.02 4.97
N TYR A 23 -0.59 4.99 3.71
CA TYR A 23 -1.92 4.48 3.38
C TYR A 23 -1.87 3.62 2.13
N PHE A 24 -2.89 2.79 1.93
CA PHE A 24 -2.96 1.92 0.76
C PHE A 24 -4.01 2.41 -0.22
N ILE A 25 -3.61 2.63 -1.45
CA ILE A 25 -4.51 3.08 -2.49
C ILE A 25 -4.41 2.24 -3.75
N ASN A 26 -5.56 1.81 -4.27
CA ASN A 26 -5.59 0.98 -5.47
C ASN A 26 -5.77 1.84 -6.72
N HIS A 27 -5.25 1.35 -7.84
CA HIS A 27 -5.35 2.07 -9.11
C HIS A 27 -6.47 1.50 -9.98
N VAL A 28 -6.68 0.19 -9.88
CA VAL A 28 -7.71 -0.48 -10.66
C VAL A 28 -9.10 -0.15 -10.11
N THR A 29 -9.18 0.06 -8.81
CA THR A 29 -10.46 0.38 -8.16
C THR A 29 -10.46 1.81 -7.66
N GLN A 30 -9.31 2.47 -7.72
CA GLN A 30 -9.19 3.86 -7.26
C GLN A 30 -9.81 4.03 -5.88
N THR A 31 -9.44 3.15 -4.95
CA THR A 31 -9.96 3.20 -3.59
C THR A 31 -8.86 3.51 -2.59
N THR A 32 -9.18 4.34 -1.60
CA THR A 32 -8.21 4.71 -0.58
C THR A 32 -8.57 4.11 0.77
N SER A 33 -7.72 3.22 1.27
CA SER A 33 -7.95 2.56 2.55
C SER A 33 -6.64 2.29 3.27
N TRP A 34 -6.72 2.02 4.56
CA TRP A 34 -5.54 1.74 5.37
C TRP A 34 -5.57 0.32 5.92
N ILE A 35 -4.93 -0.60 5.22
CA ILE A 35 -4.89 -2.00 5.63
C ILE A 35 -3.71 -2.73 5.01
N HIS A 36 -3.56 -4.01 5.34
CA HIS A 36 -2.48 -4.82 4.81
C HIS A 36 -3.02 -6.00 4.02
N PRO A 37 -3.25 -5.78 2.71
CA PRO A 37 -3.78 -6.82 1.81
C PRO A 37 -2.75 -7.92 1.55
N VAL A 38 -1.60 -7.84 2.21
CA VAL A 38 -0.55 -8.83 2.04
C VAL A 38 -0.25 -9.52 3.36
N MET A 39 -0.52 -10.82 3.42
CA MET A 39 -0.28 -11.61 4.62
C MET A 39 1.21 -11.81 4.84
N SER A 40 1.59 -12.13 6.08
CA SER A 40 2.98 -12.34 6.42
C SER A 40 3.54 -13.55 5.68
N GLY A 1 9.20 -14.24 7.63
CA GLY A 1 9.61 -12.85 7.64
C GLY A 1 9.36 -12.16 6.32
N SER A 2 10.33 -11.37 5.87
CA SER A 2 10.20 -10.65 4.61
C SER A 2 11.57 -10.46 3.95
N SER A 3 11.71 -11.00 2.75
CA SER A 3 12.97 -10.89 2.02
C SER A 3 13.25 -9.44 1.63
N GLY A 4 12.30 -8.84 0.92
CA GLY A 4 12.47 -7.46 0.50
C GLY A 4 11.82 -7.19 -0.85
N SER A 5 12.33 -7.84 -1.89
CA SER A 5 11.79 -7.66 -3.24
C SER A 5 10.28 -7.62 -3.23
N SER A 6 9.67 -8.72 -2.78
CA SER A 6 8.21 -8.81 -2.72
C SER A 6 7.61 -7.55 -2.13
N GLY A 7 6.70 -6.92 -2.87
CA GLY A 7 6.07 -5.71 -2.39
C GLY A 7 4.56 -5.86 -2.27
N LEU A 8 3.83 -4.99 -2.97
CA LEU A 8 2.37 -5.03 -2.93
C LEU A 8 1.82 -5.71 -4.17
N PRO A 9 0.59 -6.23 -4.07
CA PRO A 9 -0.09 -6.92 -5.18
C PRO A 9 -0.49 -5.97 -6.30
N TYR A 10 -0.33 -6.42 -7.54
CA TYR A 10 -0.67 -5.60 -8.69
C TYR A 10 -1.95 -4.81 -8.44
N GLY A 11 -1.86 -3.49 -8.52
CA GLY A 11 -3.02 -2.64 -8.31
C GLY A 11 -2.86 -1.75 -7.10
N TRP A 12 -2.39 -2.32 -5.99
CA TRP A 12 -2.19 -1.56 -4.77
C TRP A 12 -0.84 -0.85 -4.77
N GLU A 13 -0.73 0.21 -3.97
CA GLU A 13 0.51 0.97 -3.88
C GLU A 13 0.59 1.73 -2.56
N GLU A 14 1.69 1.52 -1.84
CA GLU A 14 1.90 2.19 -0.56
C GLU A 14 2.29 3.65 -0.75
N ALA A 15 1.41 4.56 -0.35
CA ALA A 15 1.65 5.99 -0.47
C ALA A 15 1.57 6.68 0.88
N TYR A 16 2.54 7.55 1.15
CA TYR A 16 2.58 8.27 2.41
C TYR A 16 2.20 9.74 2.21
N THR A 17 1.71 10.37 3.27
CA THR A 17 1.31 11.77 3.21
C THR A 17 2.48 12.69 3.53
N ALA A 18 2.34 13.96 3.18
CA ALA A 18 3.39 14.95 3.43
C ALA A 18 3.86 14.88 4.88
N ASP A 19 2.98 14.43 5.77
CA ASP A 19 3.31 14.32 7.18
C ASP A 19 4.19 13.09 7.44
N GLY A 20 3.79 11.96 6.89
CA GLY A 20 4.55 10.73 7.08
C GLY A 20 3.67 9.50 7.13
N ILE A 21 2.40 9.70 7.48
CA ILE A 21 1.45 8.60 7.58
C ILE A 21 1.51 7.72 6.33
N LYS A 22 1.10 6.47 6.47
CA LYS A 22 1.10 5.52 5.36
C LYS A 22 -0.30 4.96 5.12
N TYR A 23 -0.73 4.97 3.87
CA TYR A 23 -2.04 4.45 3.51
C TYR A 23 -1.98 3.62 2.23
N PHE A 24 -3.00 2.78 2.03
CA PHE A 24 -3.05 1.93 0.85
C PHE A 24 -4.08 2.44 -0.15
N ILE A 25 -3.69 2.51 -1.42
CA ILE A 25 -4.58 2.99 -2.47
C ILE A 25 -4.60 2.02 -3.65
N ASN A 26 -5.80 1.64 -4.06
CA ASN A 26 -5.96 0.72 -5.18
C ASN A 26 -6.34 1.47 -6.46
N HIS A 27 -5.34 1.71 -7.30
CA HIS A 27 -5.57 2.43 -8.56
C HIS A 27 -6.63 1.72 -9.40
N VAL A 28 -6.50 0.39 -9.51
CA VAL A 28 -7.45 -0.39 -10.28
C VAL A 28 -8.88 0.04 -10.01
N THR A 29 -9.15 0.44 -8.77
CA THR A 29 -10.48 0.88 -8.38
C THR A 29 -10.44 2.23 -7.67
N GLN A 30 -9.33 2.94 -7.84
CA GLN A 30 -9.16 4.25 -7.23
C GLN A 30 -9.78 4.28 -5.84
N THR A 31 -9.49 3.25 -5.04
CA THR A 31 -10.02 3.16 -3.69
C THR A 31 -8.95 3.47 -2.66
N THR A 32 -9.29 4.31 -1.68
CA THR A 32 -8.36 4.69 -0.64
C THR A 32 -8.74 4.06 0.70
N SER A 33 -7.87 3.19 1.19
CA SER A 33 -8.12 2.51 2.46
C SER A 33 -6.82 2.26 3.21
N TRP A 34 -6.93 1.97 4.51
CA TRP A 34 -5.76 1.71 5.33
C TRP A 34 -5.75 0.27 5.83
N ILE A 35 -5.04 -0.60 5.12
CA ILE A 35 -4.97 -2.01 5.49
C ILE A 35 -3.74 -2.67 4.87
N HIS A 36 -3.48 -3.91 5.26
CA HIS A 36 -2.34 -4.66 4.74
C HIS A 36 -2.81 -5.89 3.97
N PRO A 37 -3.07 -5.71 2.67
CA PRO A 37 -3.53 -6.80 1.80
C PRO A 37 -2.44 -7.83 1.54
N VAL A 38 -1.26 -7.59 2.11
CA VAL A 38 -0.13 -8.51 1.94
C VAL A 38 0.16 -9.28 3.22
N MET A 39 0.28 -10.60 3.11
CA MET A 39 0.55 -11.44 4.25
C MET A 39 1.75 -12.35 3.99
N SER A 40 1.83 -12.88 2.78
CA SER A 40 2.92 -13.77 2.41
C SER A 40 4.26 -13.22 2.88
N GLY A 1 14.25 -4.13 8.52
CA GLY A 1 15.21 -4.37 7.45
C GLY A 1 15.48 -5.85 7.24
N SER A 2 15.55 -6.26 5.98
CA SER A 2 15.80 -7.65 5.64
C SER A 2 16.39 -7.77 4.24
N SER A 3 16.72 -9.00 3.85
CA SER A 3 17.29 -9.25 2.53
C SER A 3 16.20 -9.48 1.50
N GLY A 4 15.34 -10.46 1.74
CA GLY A 4 14.26 -10.76 0.82
C GLY A 4 13.36 -9.57 0.58
N SER A 5 13.19 -9.19 -0.68
CA SER A 5 12.36 -8.06 -1.04
C SER A 5 10.91 -8.49 -1.22
N SER A 6 9.98 -7.61 -0.83
CA SER A 6 8.56 -7.90 -0.94
C SER A 6 7.76 -6.62 -1.21
N GLY A 7 6.92 -6.67 -2.24
CA GLY A 7 6.11 -5.52 -2.58
C GLY A 7 4.62 -5.79 -2.48
N LEU A 8 3.81 -4.79 -2.82
CA LEU A 8 2.37 -4.93 -2.76
C LEU A 8 1.83 -5.63 -4.01
N PRO A 9 0.65 -6.24 -3.88
CA PRO A 9 -0.01 -6.94 -4.99
C PRO A 9 -0.50 -5.98 -6.07
N TYR A 10 -0.34 -6.38 -7.33
CA TYR A 10 -0.77 -5.56 -8.45
C TYR A 10 -2.06 -4.82 -8.12
N GLY A 11 -2.10 -3.53 -8.46
CA GLY A 11 -3.28 -2.72 -8.20
C GLY A 11 -3.10 -1.84 -6.98
N TRP A 12 -2.45 -2.36 -5.95
CA TRP A 12 -2.22 -1.61 -4.72
C TRP A 12 -0.89 -0.87 -4.77
N GLU A 13 -0.77 0.19 -3.98
CA GLU A 13 0.45 0.97 -3.93
C GLU A 13 0.56 1.73 -2.62
N GLU A 14 1.70 1.58 -1.94
CA GLU A 14 1.93 2.25 -0.67
C GLU A 14 2.27 3.72 -0.87
N ALA A 15 1.38 4.60 -0.45
CA ALA A 15 1.58 6.03 -0.59
C ALA A 15 1.54 6.73 0.77
N TYR A 16 2.50 7.61 1.02
CA TYR A 16 2.58 8.34 2.28
C TYR A 16 2.15 9.79 2.08
N THR A 17 1.74 10.43 3.17
CA THR A 17 1.31 11.82 3.12
C THR A 17 2.43 12.76 3.54
N ALA A 18 2.27 14.04 3.23
CA ALA A 18 3.28 15.05 3.58
C ALA A 18 3.69 14.93 5.04
N ASP A 19 2.79 14.39 5.86
CA ASP A 19 3.06 14.22 7.28
C ASP A 19 3.98 13.03 7.52
N GLY A 20 3.71 11.93 6.84
CA GLY A 20 4.53 10.73 6.99
C GLY A 20 3.70 9.47 7.07
N ILE A 21 2.43 9.61 7.43
CA ILE A 21 1.53 8.47 7.54
C ILE A 21 1.57 7.62 6.27
N LYS A 22 1.16 6.36 6.39
CA LYS A 22 1.15 5.44 5.26
C LYS A 22 -0.26 4.89 5.02
N TYR A 23 -0.68 4.87 3.76
CA TYR A 23 -2.00 4.37 3.41
C TYR A 23 -1.94 3.52 2.15
N PHE A 24 -2.96 2.70 1.94
CA PHE A 24 -3.03 1.84 0.77
C PHE A 24 -4.08 2.32 -0.21
N ILE A 25 -3.67 2.45 -1.48
CA ILE A 25 -4.58 2.92 -2.52
C ILE A 25 -4.58 1.97 -3.71
N ASN A 26 -5.77 1.66 -4.24
CA ASN A 26 -5.90 0.76 -5.38
C ASN A 26 -6.26 1.54 -6.63
N HIS A 27 -5.25 1.81 -7.47
CA HIS A 27 -5.47 2.54 -8.72
C HIS A 27 -6.57 1.88 -9.55
N VAL A 28 -6.54 0.55 -9.62
CA VAL A 28 -7.52 -0.20 -10.39
C VAL A 28 -8.93 0.34 -10.16
N THR A 29 -9.23 0.68 -8.91
CA THR A 29 -10.54 1.21 -8.55
C THR A 29 -10.41 2.49 -7.73
N GLN A 30 -9.26 3.15 -7.86
CA GLN A 30 -9.02 4.40 -7.13
C GLN A 30 -9.62 4.33 -5.74
N THR A 31 -9.37 3.23 -5.03
CA THR A 31 -9.89 3.06 -3.68
C THR A 31 -8.83 3.37 -2.63
N THR A 32 -9.19 4.21 -1.67
CA THR A 32 -8.27 4.59 -0.60
C THR A 32 -8.66 3.94 0.72
N SER A 33 -7.81 3.04 1.21
CA SER A 33 -8.07 2.36 2.47
C SER A 33 -6.76 2.08 3.21
N TRP A 34 -6.86 1.96 4.54
CA TRP A 34 -5.69 1.70 5.37
C TRP A 34 -5.71 0.27 5.89
N ILE A 35 -5.02 -0.61 5.18
CA ILE A 35 -4.94 -2.02 5.57
C ILE A 35 -3.73 -2.70 4.96
N HIS A 36 -3.44 -3.92 5.42
CA HIS A 36 -2.31 -4.68 4.93
C HIS A 36 -2.77 -5.92 4.20
N PRO A 37 -3.02 -5.79 2.88
CA PRO A 37 -3.48 -6.89 2.04
C PRO A 37 -2.38 -7.93 1.81
N VAL A 38 -1.23 -7.72 2.44
CA VAL A 38 -0.11 -8.64 2.31
C VAL A 38 0.22 -9.31 3.64
N MET A 39 -0.02 -10.61 3.72
CA MET A 39 0.25 -11.36 4.94
C MET A 39 0.10 -12.86 4.69
N SER A 40 0.78 -13.66 5.52
CA SER A 40 0.74 -15.12 5.38
C SER A 40 -0.58 -15.67 5.90
N GLY A 1 10.61 -7.31 6.51
CA GLY A 1 11.49 -6.32 7.12
C GLY A 1 10.79 -5.49 8.17
N SER A 2 10.80 -5.98 9.40
CA SER A 2 10.15 -5.28 10.51
C SER A 2 8.64 -5.21 10.31
N SER A 3 8.07 -6.32 9.86
CA SER A 3 6.63 -6.40 9.61
C SER A 3 6.16 -5.24 8.73
N GLY A 4 6.96 -4.94 7.71
CA GLY A 4 6.61 -3.86 6.80
C GLY A 4 7.21 -4.04 5.42
N SER A 5 7.18 -5.28 4.92
CA SER A 5 7.73 -5.59 3.61
C SER A 5 7.23 -4.59 2.56
N SER A 6 8.01 -4.42 1.50
CA SER A 6 7.65 -3.49 0.43
C SER A 6 7.33 -4.24 -0.85
N GLY A 7 6.07 -4.64 -0.99
CA GLY A 7 5.64 -5.37 -2.18
C GLY A 7 4.15 -5.63 -2.19
N LEU A 8 3.38 -4.61 -2.54
CA LEU A 8 1.92 -4.73 -2.58
C LEU A 8 1.48 -5.46 -3.84
N PRO A 9 0.28 -6.07 -3.80
CA PRO A 9 -0.28 -6.81 -4.93
C PRO A 9 -0.68 -5.89 -6.07
N TYR A 10 -0.47 -6.36 -7.30
CA TYR A 10 -0.81 -5.58 -8.49
C TYR A 10 -2.07 -4.75 -8.25
N GLY A 11 -2.00 -3.48 -8.61
CA GLY A 11 -3.14 -2.60 -8.43
C GLY A 11 -3.00 -1.69 -7.22
N TRP A 12 -2.44 -2.24 -6.14
CA TRP A 12 -2.24 -1.47 -4.92
C TRP A 12 -0.90 -0.76 -4.93
N GLU A 13 -0.78 0.29 -4.12
CA GLU A 13 0.46 1.05 -4.03
C GLU A 13 0.55 1.80 -2.70
N GLU A 14 1.66 1.60 -2.00
CA GLU A 14 1.88 2.26 -0.71
C GLU A 14 2.22 3.73 -0.90
N ALA A 15 1.32 4.60 -0.46
CA ALA A 15 1.54 6.03 -0.59
C ALA A 15 1.50 6.71 0.79
N TYR A 16 2.43 7.64 1.01
CA TYR A 16 2.51 8.36 2.27
C TYR A 16 2.05 9.81 2.11
N THR A 17 1.68 10.43 3.23
CA THR A 17 1.22 11.82 3.20
C THR A 17 2.34 12.77 3.62
N ALA A 18 2.21 14.03 3.22
CA ALA A 18 3.21 15.04 3.54
C ALA A 18 3.64 14.94 5.00
N ASP A 19 2.77 14.40 5.84
CA ASP A 19 3.06 14.25 7.26
C ASP A 19 4.01 13.07 7.49
N GLY A 20 3.73 11.96 6.82
CA GLY A 20 4.57 10.78 6.96
C GLY A 20 3.75 9.51 7.05
N ILE A 21 2.49 9.63 7.43
CA ILE A 21 1.61 8.47 7.56
C ILE A 21 1.65 7.61 6.30
N LYS A 22 1.24 6.35 6.43
CA LYS A 22 1.24 5.43 5.30
C LYS A 22 -0.16 4.87 5.08
N TYR A 23 -0.60 4.87 3.83
CA TYR A 23 -1.93 4.36 3.48
C TYR A 23 -1.87 3.51 2.21
N PHE A 24 -2.89 2.69 2.02
CA PHE A 24 -2.95 1.81 0.85
C PHE A 24 -4.00 2.31 -0.14
N ILE A 25 -3.60 2.41 -1.41
CA ILE A 25 -4.51 2.87 -2.45
C ILE A 25 -4.54 1.90 -3.63
N ASN A 26 -5.74 1.60 -4.12
CA ASN A 26 -5.91 0.69 -5.24
C ASN A 26 -6.25 1.45 -6.52
N HIS A 27 -5.23 1.69 -7.35
CA HIS A 27 -5.43 2.40 -8.61
C HIS A 27 -6.52 1.73 -9.45
N VAL A 28 -6.45 0.41 -9.55
CA VAL A 28 -7.42 -0.35 -10.32
C VAL A 28 -8.84 0.16 -10.07
N THR A 29 -9.11 0.56 -8.84
CA THR A 29 -10.42 1.07 -8.47
C THR A 29 -10.32 2.38 -7.71
N GLN A 30 -9.18 3.06 -7.88
CA GLN A 30 -8.95 4.34 -7.20
C GLN A 30 -9.59 4.35 -5.82
N THR A 31 -9.34 3.30 -5.05
CA THR A 31 -9.90 3.18 -3.70
C THR A 31 -8.83 3.45 -2.64
N THR A 32 -9.18 4.28 -1.66
CA THR A 32 -8.25 4.63 -0.58
C THR A 32 -8.65 3.94 0.72
N SER A 33 -7.77 3.07 1.21
CA SER A 33 -8.03 2.35 2.45
C SER A 33 -6.73 2.10 3.21
N TRP A 34 -6.85 1.92 4.53
CA TRP A 34 -5.69 1.67 5.37
C TRP A 34 -5.71 0.25 5.91
N ILE A 35 -5.02 -0.66 5.22
CA ILE A 35 -4.96 -2.05 5.64
C ILE A 35 -3.78 -2.77 4.99
N HIS A 36 -3.47 -3.96 5.48
CA HIS A 36 -2.37 -4.75 4.95
C HIS A 36 -2.88 -5.96 4.17
N PRO A 37 -3.14 -5.75 2.87
CA PRO A 37 -3.63 -6.80 1.98
C PRO A 37 -2.59 -7.88 1.72
N VAL A 38 -1.41 -7.71 2.30
CA VAL A 38 -0.32 -8.67 2.12
C VAL A 38 -0.02 -9.40 3.42
N MET A 39 -0.56 -10.61 3.56
CA MET A 39 -0.35 -11.41 4.76
C MET A 39 0.45 -12.66 4.44
N SER A 40 1.43 -12.98 5.29
CA SER A 40 2.26 -14.16 5.09
C SER A 40 1.44 -15.34 4.60
N GLY A 1 9.50 -16.11 5.46
CA GLY A 1 10.91 -16.26 5.74
C GLY A 1 11.62 -14.93 5.91
N SER A 2 11.30 -13.98 5.04
CA SER A 2 11.91 -12.65 5.09
C SER A 2 10.86 -11.56 4.99
N SER A 3 10.65 -10.85 6.09
CA SER A 3 9.66 -9.77 6.13
C SER A 3 10.32 -8.44 6.48
N GLY A 4 10.35 -7.53 5.51
CA GLY A 4 10.95 -6.23 5.74
C GLY A 4 10.81 -5.30 4.54
N SER A 5 11.13 -5.81 3.36
CA SER A 5 11.04 -5.02 2.14
C SER A 5 9.59 -4.93 1.66
N SER A 6 9.34 -4.04 0.70
CA SER A 6 8.01 -3.84 0.16
C SER A 6 7.63 -4.99 -0.78
N GLY A 7 6.33 -5.23 -0.93
CA GLY A 7 5.86 -6.30 -1.79
C GLY A 7 4.34 -6.36 -1.87
N LEU A 8 3.73 -5.28 -2.35
CA LEU A 8 2.29 -5.22 -2.47
C LEU A 8 1.81 -5.92 -3.73
N PRO A 9 0.54 -6.37 -3.73
CA PRO A 9 -0.06 -7.06 -4.87
C PRO A 9 -0.28 -6.14 -6.07
N TYR A 10 -0.26 -6.72 -7.26
CA TYR A 10 -0.47 -5.95 -8.48
C TYR A 10 -1.75 -5.14 -8.41
N GLY A 11 -1.63 -3.82 -8.54
CA GLY A 11 -2.79 -2.96 -8.49
C GLY A 11 -2.76 -2.04 -7.28
N TRP A 12 -2.33 -2.56 -6.15
CA TRP A 12 -2.26 -1.77 -4.92
C TRP A 12 -0.96 -0.98 -4.84
N GLU A 13 -0.98 0.11 -4.08
CA GLU A 13 0.21 0.94 -3.93
C GLU A 13 0.17 1.69 -2.60
N GLU A 14 1.20 1.50 -1.79
CA GLU A 14 1.30 2.16 -0.49
C GLU A 14 1.99 3.51 -0.61
N ALA A 15 1.24 4.58 -0.35
CA ALA A 15 1.80 5.93 -0.43
C ALA A 15 1.78 6.60 0.93
N TYR A 16 2.51 7.71 1.05
CA TYR A 16 2.59 8.45 2.31
C TYR A 16 2.12 9.89 2.12
N THR A 17 1.76 10.54 3.23
CA THR A 17 1.29 11.91 3.19
C THR A 17 2.41 12.88 3.58
N ALA A 18 2.17 14.17 3.36
CA ALA A 18 3.15 15.19 3.69
C ALA A 18 3.62 15.05 5.14
N ASP A 19 2.76 14.51 5.99
CA ASP A 19 3.08 14.32 7.40
C ASP A 19 4.04 13.15 7.58
N GLY A 20 3.76 12.05 6.89
CA GLY A 20 4.61 10.88 6.99
C GLY A 20 3.81 9.58 7.04
N ILE A 21 2.54 9.70 7.45
CA ILE A 21 1.68 8.53 7.54
C ILE A 21 1.70 7.72 6.25
N LYS A 22 1.29 6.46 6.34
CA LYS A 22 1.24 5.58 5.19
C LYS A 22 -0.15 5.00 4.98
N TYR A 23 -0.61 4.99 3.74
CA TYR A 23 -1.93 4.47 3.42
C TYR A 23 -1.88 3.61 2.16
N PHE A 24 -2.90 2.77 1.98
CA PHE A 24 -2.97 1.89 0.82
C PHE A 24 -4.05 2.37 -0.15
N ILE A 25 -3.67 2.53 -1.42
CA ILE A 25 -4.60 2.96 -2.44
C ILE A 25 -4.61 2.02 -3.63
N ASN A 26 -5.80 1.68 -4.10
CA ASN A 26 -5.94 0.77 -5.24
C ASN A 26 -6.34 1.53 -6.50
N HIS A 27 -5.35 1.82 -7.34
CA HIS A 27 -5.58 2.55 -8.58
C HIS A 27 -6.67 1.86 -9.41
N VAL A 28 -6.55 0.55 -9.56
CA VAL A 28 -7.52 -0.23 -10.33
C VAL A 28 -8.94 0.18 -10.00
N THR A 29 -9.15 0.58 -8.74
CA THR A 29 -10.48 1.00 -8.29
C THR A 29 -10.41 2.35 -7.59
N GLN A 30 -9.34 3.08 -7.82
CA GLN A 30 -9.14 4.39 -7.21
C GLN A 30 -9.75 4.44 -5.81
N THR A 31 -9.46 3.40 -5.02
CA THR A 31 -9.96 3.31 -3.66
C THR A 31 -8.86 3.61 -2.64
N THR A 32 -9.22 4.37 -1.61
CA THR A 32 -8.26 4.73 -0.57
C THR A 32 -8.61 4.08 0.76
N SER A 33 -7.74 3.21 1.24
CA SER A 33 -7.97 2.51 2.50
C SER A 33 -6.65 2.24 3.22
N TRP A 34 -6.73 1.98 4.52
CA TRP A 34 -5.55 1.70 5.32
C TRP A 34 -5.56 0.27 5.85
N ILE A 35 -4.90 -0.63 5.12
CA ILE A 35 -4.84 -2.04 5.51
C ILE A 35 -3.67 -2.74 4.84
N HIS A 36 -3.50 -4.03 5.14
CA HIS A 36 -2.42 -4.82 4.57
C HIS A 36 -2.98 -6.01 3.79
N PRO A 37 -3.23 -5.80 2.49
CA PRO A 37 -3.77 -6.85 1.61
C PRO A 37 -2.75 -7.95 1.34
N VAL A 38 -1.58 -7.84 1.97
CA VAL A 38 -0.53 -8.83 1.80
C VAL A 38 -0.51 -9.83 2.95
N MET A 39 -0.74 -11.10 2.63
CA MET A 39 -0.74 -12.15 3.64
C MET A 39 0.53 -12.99 3.57
N SER A 40 1.59 -12.47 4.17
CA SER A 40 2.87 -13.17 4.18
C SER A 40 2.92 -14.23 5.28
N GLY A 1 10.26 2.19 5.56
CA GLY A 1 10.31 0.84 5.06
C GLY A 1 11.52 0.57 4.19
N SER A 2 12.60 0.09 4.80
CA SER A 2 13.82 -0.20 4.06
C SER A 2 14.17 -1.68 4.15
N SER A 3 14.05 -2.24 5.34
CA SER A 3 14.35 -3.65 5.56
C SER A 3 13.08 -4.46 5.69
N GLY A 4 13.20 -5.78 5.51
CA GLY A 4 12.05 -6.65 5.61
C GLY A 4 11.35 -6.85 4.28
N SER A 5 10.94 -8.10 4.02
CA SER A 5 10.27 -8.42 2.77
C SER A 5 9.16 -7.41 2.47
N SER A 6 9.25 -6.77 1.31
CA SER A 6 8.27 -5.77 0.91
C SER A 6 7.70 -6.09 -0.47
N GLY A 7 6.54 -5.52 -0.79
CA GLY A 7 5.91 -5.75 -2.07
C GLY A 7 4.40 -5.85 -1.97
N LEU A 8 3.71 -5.11 -2.82
CA LEU A 8 2.25 -5.11 -2.82
C LEU A 8 1.71 -5.74 -4.11
N PRO A 9 0.49 -6.27 -4.03
CA PRO A 9 -0.17 -6.91 -5.18
C PRO A 9 -0.56 -5.89 -6.26
N TYR A 10 -0.39 -6.27 -7.51
CA TYR A 10 -0.72 -5.40 -8.64
C TYR A 10 -1.98 -4.60 -8.34
N GLY A 11 -1.91 -3.29 -8.54
CA GLY A 11 -3.06 -2.43 -8.29
C GLY A 11 -2.90 -1.59 -7.04
N TRP A 12 -2.35 -2.18 -5.99
CA TRP A 12 -2.14 -1.48 -4.73
C TRP A 12 -0.79 -0.78 -4.72
N GLU A 13 -0.67 0.29 -3.92
CA GLU A 13 0.57 1.03 -3.83
C GLU A 13 0.63 1.80 -2.51
N GLU A 14 1.66 1.50 -1.71
CA GLU A 14 1.83 2.16 -0.42
C GLU A 14 2.36 3.59 -0.61
N ALA A 15 1.53 4.57 -0.25
CA ALA A 15 1.91 5.97 -0.38
C ALA A 15 1.83 6.68 0.96
N TYR A 16 2.79 7.56 1.22
CA TYR A 16 2.83 8.30 2.47
C TYR A 16 2.49 9.77 2.25
N THR A 17 2.00 10.43 3.29
CA THR A 17 1.63 11.83 3.20
C THR A 17 2.78 12.73 3.66
N ALA A 18 2.67 14.02 3.36
CA ALA A 18 3.70 14.98 3.74
C ALA A 18 3.95 14.95 5.25
N ASP A 19 3.06 14.30 5.98
CA ASP A 19 3.19 14.19 7.43
C ASP A 19 4.02 12.97 7.81
N GLY A 20 3.80 11.86 7.11
CA GLY A 20 4.54 10.65 7.39
C GLY A 20 3.66 9.41 7.36
N ILE A 21 2.37 9.60 7.63
CA ILE A 21 1.42 8.50 7.64
C ILE A 21 1.42 7.76 6.29
N LYS A 22 1.02 6.50 6.31
CA LYS A 22 0.97 5.69 5.10
C LYS A 22 -0.43 5.15 4.86
N TYR A 23 -0.84 5.11 3.60
CA TYR A 23 -2.17 4.62 3.24
C TYR A 23 -2.10 3.71 2.02
N PHE A 24 -3.10 2.86 1.86
CA PHE A 24 -3.16 1.94 0.73
C PHE A 24 -4.18 2.40 -0.30
N ILE A 25 -3.74 2.55 -1.55
CA ILE A 25 -4.61 2.99 -2.63
C ILE A 25 -4.60 1.98 -3.78
N ASN A 26 -5.80 1.61 -4.24
CA ASN A 26 -5.93 0.66 -5.33
C ASN A 26 -6.40 1.36 -6.60
N HIS A 27 -5.46 1.68 -7.48
CA HIS A 27 -5.78 2.35 -8.74
C HIS A 27 -6.83 1.57 -9.52
N VAL A 28 -6.64 0.26 -9.62
CA VAL A 28 -7.56 -0.60 -10.35
C VAL A 28 -9.01 -0.28 -9.96
N THR A 29 -9.22 0.06 -8.69
CA THR A 29 -10.55 0.39 -8.19
C THR A 29 -10.58 1.78 -7.57
N GLN A 30 -9.57 2.57 -7.88
CA GLN A 30 -9.48 3.93 -7.34
C GLN A 30 -10.05 4.00 -5.93
N THR A 31 -9.63 3.07 -5.09
CA THR A 31 -10.10 3.03 -3.70
C THR A 31 -8.98 3.38 -2.73
N THR A 32 -9.29 4.24 -1.77
CA THR A 32 -8.32 4.66 -0.77
C THR A 32 -8.68 4.12 0.62
N SER A 33 -7.84 3.23 1.14
CA SER A 33 -8.07 2.64 2.45
C SER A 33 -6.75 2.34 3.15
N TRP A 34 -6.81 2.16 4.46
CA TRP A 34 -5.63 1.87 5.25
C TRP A 34 -5.64 0.43 5.76
N ILE A 35 -5.00 -0.46 5.01
CA ILE A 35 -4.96 -1.87 5.39
C ILE A 35 -3.75 -2.56 4.76
N HIS A 36 -3.42 -3.75 5.27
CA HIS A 36 -2.29 -4.52 4.75
C HIS A 36 -2.77 -5.75 4.00
N PRO A 37 -3.00 -5.58 2.68
CA PRO A 37 -3.46 -6.67 1.82
C PRO A 37 -2.39 -7.73 1.59
N VAL A 38 -1.25 -7.56 2.24
CA VAL A 38 -0.14 -8.49 2.12
C VAL A 38 0.20 -9.12 3.46
N MET A 39 0.49 -10.42 3.45
CA MET A 39 0.84 -11.14 4.67
C MET A 39 2.24 -11.74 4.56
N SER A 40 3.26 -10.91 4.76
CA SER A 40 4.64 -11.36 4.69
C SER A 40 5.04 -12.12 5.96
#